data_4EBP
#
_entry.id   4EBP
#
_cell.length_a   78.820
_cell.length_b   96.152
_cell.length_c   107.088
_cell.angle_alpha   90.00
_cell.angle_beta   106.34
_cell.angle_gamma   90.00
#
_symmetry.space_group_name_H-M   'P 1 21 1'
#
loop_
_entity.id
_entity.type
_entity.pdbx_description
1 polymer Beta-lactamase
2 non-polymer 'PHOSPHATE ION'
3 non-polymer "CEFOTAXIME, C3' cleaved, open, bound form"
4 water water
#
_entity_poly.entity_id   1
_entity_poly.type   'polypeptide(L)'
_entity_poly.pdbx_seq_one_letter_code
;DLADRFAELERRYDARLGVYVPATGTTAAIEYRADERFAFCSTFKAPLVAAVLHQNPLTHLDKLITYTSDDIRSISPVAQ
QHVQTGMTIGQLCDAAIRYSDGTAANLLLADLGGPGGGTAAFTGYLRSLGDTVSRLDAEAPELNRDPPGDERDTTTPHAI
ALVLQQLVLGNALPPDKRALLTDWMARNTTGAKRIRAGFPADWKVIDKTGTGDYGRANDIAVVWSPTGVPYVVAVMSDRA
GGGYDAEPREALLAEAATCVAGVLA
;
_entity_poly.pdbx_strand_id   A,B,C,D
#
# COMPACT_ATOMS: atom_id res chain seq x y z
N ASP A 1 -23.99 0.39 24.47
CA ASP A 1 -23.01 0.93 25.39
C ASP A 1 -22.23 2.08 24.74
N LEU A 2 -22.74 2.55 23.58
CA LEU A 2 -22.02 3.55 22.80
C LEU A 2 -21.99 4.89 23.49
N ALA A 3 -23.10 5.22 24.14
CA ALA A 3 -23.20 6.45 24.91
C ALA A 3 -22.08 6.53 25.94
N ASP A 4 -21.80 5.39 26.58
CA ASP A 4 -20.75 5.32 27.59
C ASP A 4 -19.38 5.53 26.97
N ARG A 5 -19.17 4.98 25.78
CA ARG A 5 -17.89 5.12 25.10
C ARG A 5 -17.67 6.56 24.66
N PHE A 6 -18.72 7.21 24.16
CA PHE A 6 -18.63 8.62 23.79
C PHE A 6 -18.38 9.50 25.00
N ALA A 7 -19.05 9.20 26.12
CA ALA A 7 -18.86 9.93 27.36
C ALA A 7 -17.43 9.86 27.90
N GLU A 8 -16.82 8.69 27.79
CA GLU A 8 -15.44 8.49 28.21
C GLU A 8 -14.51 9.36 27.38
N LEU A 9 -14.77 9.42 26.09
CA LEU A 9 -14.03 10.30 25.18
C LEU A 9 -14.16 11.76 25.58
N GLU A 10 -15.37 12.18 25.92
CA GLU A 10 -15.57 13.56 26.38
C GLU A 10 -14.67 13.81 27.59
N ARG A 11 -14.63 12.86 28.54
CA ARG A 11 -13.75 13.07 29.70
C ARG A 11 -12.29 13.03 29.31
N ARG A 12 -11.95 12.10 28.42
CA ARG A 12 -10.57 11.94 27.98
C ARG A 12 -10.01 13.20 27.33
N TYR A 13 -10.84 13.82 26.49
CA TYR A 13 -10.39 14.97 25.71
C TYR A 13 -10.89 16.31 26.26
N ASP A 14 -11.50 16.29 27.44
CA ASP A 14 -12.12 17.49 28.00
C ASP A 14 -12.91 18.24 26.92
N ALA A 15 -13.89 17.56 26.33
CA ALA A 15 -14.57 18.04 25.15
C ALA A 15 -16.07 17.80 25.24
N ARG A 16 -16.82 18.47 24.35
CA ARG A 16 -18.21 18.11 24.14
C ARG A 16 -18.26 17.50 22.74
N LEU A 17 -18.92 16.35 22.64
CA LEU A 17 -18.95 15.61 21.39
C LEU A 17 -20.36 15.38 20.89
N GLY A 18 -20.57 15.57 19.60
CA GLY A 18 -21.85 15.29 18.99
C GLY A 18 -21.66 14.35 17.81
N VAL A 19 -22.52 13.33 17.75
CA VAL A 19 -22.41 12.31 16.72
C VAL A 19 -23.77 11.96 16.15
N TYR A 20 -23.86 11.88 14.82
CA TYR A 20 -25.04 11.30 14.21
C TYR A 20 -24.69 10.47 12.99
N VAL A 21 -25.26 9.27 12.94
CA VAL A 21 -25.19 8.40 11.78
C VAL A 21 -26.61 7.99 11.48
N PRO A 22 -27.14 8.45 10.34
CA PRO A 22 -28.53 8.11 10.00
C PRO A 22 -28.75 6.61 9.91
N ALA A 23 -29.98 6.21 10.23
CA ALA A 23 -30.42 4.84 10.03
C ALA A 23 -30.33 4.40 8.59
N THR A 24 -30.09 3.11 8.40
CA THR A 24 -30.16 2.48 7.09
C THR A 24 -31.19 1.36 7.18
N GLY A 25 -31.40 0.66 6.08
CA GLY A 25 -32.38 -0.41 6.05
C GLY A 25 -32.01 -1.55 6.98
N THR A 26 -30.74 -1.60 7.37
CA THR A 26 -30.25 -2.67 8.23
C THR A 26 -29.61 -2.19 9.53
N THR A 27 -29.52 -0.88 9.71
CA THR A 27 -28.92 -0.35 10.94
C THR A 27 -29.70 0.79 11.56
N ALA A 28 -29.62 0.87 12.89
CA ALA A 28 -30.26 1.92 13.66
C ALA A 28 -29.41 3.19 13.59
N ALA A 29 -30.06 4.33 13.74
CA ALA A 29 -29.35 5.59 13.87
C ALA A 29 -28.39 5.53 15.05
N ILE A 30 -27.23 6.17 14.91
CA ILE A 30 -26.36 6.41 16.05
C ILE A 30 -26.42 7.87 16.45
N GLU A 31 -26.74 8.13 17.71
CA GLU A 31 -26.86 9.50 18.17
C GLU A 31 -26.25 9.75 19.53
N TYR A 32 -25.56 10.88 19.64
CA TYR A 32 -25.01 11.37 20.89
C TYR A 32 -24.98 12.89 20.81
N ARG A 33 -25.77 13.54 21.65
CA ARG A 33 -25.97 14.98 21.59
C ARG A 33 -26.30 15.41 20.16
N ALA A 34 -27.01 14.54 19.44
CA ALA A 34 -27.23 14.75 18.01
C ALA A 34 -28.11 15.95 17.72
N ASP A 35 -28.88 16.38 18.72
CA ASP A 35 -29.76 17.53 18.58
C ASP A 35 -29.28 18.78 19.28
N GLU A 36 -28.07 18.73 19.80
CA GLU A 36 -27.45 19.92 20.38
C GLU A 36 -26.79 20.73 19.27
N ARG A 37 -26.86 22.05 19.38
CA ARG A 37 -26.26 22.93 18.40
C ARG A 37 -24.73 22.97 18.52
N PHE A 38 -24.07 22.90 17.37
CA PHE A 38 -22.63 23.10 17.27
C PHE A 38 -22.39 24.07 16.14
N ALA A 39 -21.33 24.87 16.26
CA ALA A 39 -20.91 25.73 15.16
C ALA A 39 -20.56 24.93 13.90
N PHE A 40 -21.13 25.36 12.77
CA PHE A 40 -20.75 24.84 11.46
C PHE A 40 -19.25 24.83 11.23
N CYS A 41 -18.62 25.94 11.57
CA CYS A 41 -17.34 26.29 10.98
C CYS A 41 -17.37 26.01 9.48
N SER A 42 -16.26 25.56 8.93
CA SER A 42 -16.17 25.35 7.48
C SER A 42 -17.05 24.22 6.90
N THR A 43 -17.72 23.45 7.74
CA THR A 43 -18.56 22.38 7.23
C THR A 43 -19.69 22.88 6.34
N PHE A 44 -20.09 24.14 6.52
CA PHE A 44 -21.12 24.74 5.67
C PHE A 44 -20.75 24.81 4.19
N LYS A 45 -19.45 24.78 3.92
CA LYS A 45 -18.96 24.91 2.55
C LYS A 45 -19.40 23.78 1.59
N ALA A 46 -19.65 22.59 2.13
CA ALA A 46 -20.15 21.49 1.30
C ALA A 46 -21.56 21.73 0.75
N PRO A 47 -22.55 21.93 1.62
CA PRO A 47 -23.89 22.27 1.13
C PRO A 47 -23.97 23.60 0.38
N LEU A 48 -23.00 24.47 0.62
CA LEU A 48 -22.93 25.74 -0.08
C LEU A 48 -22.68 25.50 -1.57
N VAL A 49 -21.72 24.63 -1.87
CA VAL A 49 -21.46 24.24 -3.25
C VAL A 49 -22.68 23.60 -3.88
N ALA A 50 -23.33 22.72 -3.14
CA ALA A 50 -24.58 22.11 -3.61
C ALA A 50 -25.61 23.19 -3.99
N ALA A 51 -25.72 24.20 -3.14
CA ALA A 51 -26.65 25.29 -3.35
C ALA A 51 -26.33 26.02 -4.64
N VAL A 52 -25.03 26.29 -4.86
CA VAL A 52 -24.59 26.92 -6.09
C VAL A 52 -24.86 26.07 -7.31
N LEU A 53 -24.54 24.77 -7.22
CA LEU A 53 -24.82 23.84 -8.29
C LEU A 53 -26.31 23.77 -8.61
N HIS A 54 -27.11 23.67 -7.56
CA HIS A 54 -28.55 23.54 -7.70
C HIS A 54 -29.21 24.68 -8.47
N GLN A 55 -28.79 25.92 -8.20
CA GLN A 55 -29.53 27.09 -8.69
C GLN A 55 -29.07 27.57 -10.06
N ASN A 56 -28.12 26.88 -10.66
CA ASN A 56 -27.54 27.32 -11.91
C ASN A 56 -27.27 26.16 -12.86
N PRO A 57 -27.30 26.44 -14.17
CA PRO A 57 -26.84 25.44 -15.15
C PRO A 57 -25.37 25.11 -14.97
N LEU A 58 -24.97 23.95 -15.49
CA LEU A 58 -23.58 23.53 -15.45
C LEU A 58 -22.64 24.57 -16.05
N THR A 59 -23.12 25.27 -17.07
CA THR A 59 -22.33 26.28 -17.77
C THR A 59 -21.90 27.42 -16.86
N HIS A 60 -22.64 27.59 -15.76
CA HIS A 60 -22.30 28.56 -14.73
C HIS A 60 -20.94 28.30 -14.07
N LEU A 61 -20.51 27.04 -14.05
CA LEU A 61 -19.23 26.71 -13.44
C LEU A 61 -18.07 27.40 -14.14
N ASP A 62 -18.31 27.84 -15.38
CA ASP A 62 -17.25 28.43 -16.20
C ASP A 62 -17.27 29.94 -16.16
N LYS A 63 -18.15 30.51 -15.33
CA LYS A 63 -18.19 31.95 -15.14
C LYS A 63 -17.00 32.41 -14.34
N LEU A 64 -16.24 33.35 -14.87
CA LEU A 64 -15.09 33.89 -14.15
C LEU A 64 -15.51 34.97 -13.16
N ILE A 65 -15.08 34.81 -11.91
CA ILE A 65 -15.35 35.78 -10.87
C ILE A 65 -14.07 36.53 -10.55
N THR A 66 -14.17 37.85 -10.49
CA THR A 66 -13.02 38.68 -10.17
C THR A 66 -13.10 39.25 -8.77
N TYR A 67 -11.95 39.38 -8.12
CA TYR A 67 -11.89 39.90 -6.76
C TYR A 67 -10.55 40.56 -6.50
N THR A 68 -10.44 41.19 -5.34
CA THR A 68 -9.24 41.92 -4.96
C THR A 68 -8.57 41.36 -3.72
N SER A 69 -7.34 41.77 -3.48
CA SER A 69 -6.61 41.44 -2.26
C SER A 69 -7.38 41.75 -1.00
N ASP A 70 -8.23 42.77 -1.09
CA ASP A 70 -9.10 43.16 0.01
C ASP A 70 -10.09 42.04 0.33
N ASP A 71 -10.57 41.40 -0.73
CA ASP A 71 -11.63 40.39 -0.65
C ASP A 71 -11.28 39.15 0.18
N ILE A 72 -10.04 38.69 0.09
CA ILE A 72 -9.68 37.40 0.68
C ILE A 72 -9.40 37.46 2.17
N ARG A 73 -10.44 37.67 2.96
CA ARG A 73 -10.38 37.55 4.41
C ARG A 73 -10.31 36.08 4.83
N SER A 74 -9.59 35.81 5.91
CA SER A 74 -9.53 34.46 6.47
C SER A 74 -8.55 33.59 5.71
N ILE A 75 -8.48 32.30 6.07
CA ILE A 75 -7.60 31.38 5.36
C ILE A 75 -8.06 31.23 3.92
N SER A 76 -7.09 31.24 3.00
CA SER A 76 -7.38 31.16 1.58
C SER A 76 -6.19 30.61 0.81
N PRO A 77 -5.90 29.32 0.96
CA PRO A 77 -4.66 28.75 0.47
C PRO A 77 -4.59 28.91 -1.04
N VAL A 78 -5.78 28.93 -1.65
CA VAL A 78 -5.93 29.05 -3.09
C VAL A 78 -6.15 30.46 -3.66
N ALA A 79 -7.12 31.18 -3.10
CA ALA A 79 -7.52 32.48 -3.67
C ALA A 79 -6.41 33.52 -3.77
N GLN A 80 -5.48 33.50 -2.82
CA GLN A 80 -4.36 34.45 -2.83
C GLN A 80 -3.53 34.40 -4.11
N GLN A 81 -3.52 33.26 -4.77
CA GLN A 81 -2.69 33.12 -5.95
C GLN A 81 -3.41 33.35 -7.26
N HIS A 82 -4.69 33.72 -7.17
CA HIS A 82 -5.48 33.90 -8.38
C HIS A 82 -6.18 35.25 -8.35
N VAL A 83 -5.61 36.19 -7.59
CA VAL A 83 -6.13 37.55 -7.55
C VAL A 83 -6.10 38.22 -8.92
N GLN A 84 -4.97 38.07 -9.60
CA GLN A 84 -4.74 38.71 -10.89
C GLN A 84 -5.65 38.16 -11.97
N THR A 85 -5.86 36.87 -11.92
CA THR A 85 -6.56 36.14 -12.95
C THR A 85 -8.05 35.98 -12.69
N GLY A 86 -8.42 35.99 -11.42
CA GLY A 86 -9.77 35.62 -11.06
C GLY A 86 -9.91 34.12 -10.97
N MET A 87 -11.08 33.66 -10.55
CA MET A 87 -11.36 32.24 -10.46
C MET A 87 -12.78 31.97 -10.94
N THR A 88 -12.96 30.86 -11.63
CA THR A 88 -14.30 30.48 -12.08
C THR A 88 -15.11 29.95 -10.91
N ILE A 89 -16.42 29.95 -11.07
CA ILE A 89 -17.31 29.35 -10.08
C ILE A 89 -16.88 27.92 -9.74
N GLY A 90 -16.56 27.14 -10.76
CA GLY A 90 -16.09 25.78 -10.59
C GLY A 90 -14.81 25.71 -9.78
N GLN A 91 -13.88 26.62 -10.07
CA GLN A 91 -12.61 26.67 -9.35
C GLN A 91 -12.84 27.05 -7.89
N LEU A 92 -13.81 27.92 -7.67
CA LEU A 92 -14.17 28.34 -6.32
C LEU A 92 -14.78 27.19 -5.53
N CYS A 93 -15.68 26.44 -6.17
CA CYS A 93 -16.24 25.24 -5.56
C CYS A 93 -15.15 24.26 -5.16
N ASP A 94 -14.23 23.99 -6.08
CA ASP A 94 -13.11 23.09 -5.82
C ASP A 94 -12.33 23.55 -4.60
N ALA A 95 -11.96 24.83 -4.57
CA ALA A 95 -11.15 25.37 -3.50
C ALA A 95 -11.89 25.37 -2.17
N ALA A 96 -13.17 25.70 -2.20
CA ALA A 96 -13.97 25.80 -0.98
C ALA A 96 -14.07 24.46 -0.26
N ILE A 97 -14.22 23.38 -1.03
CA ILE A 97 -14.32 22.05 -0.44
C ILE A 97 -12.97 21.42 -0.13
N ARG A 98 -12.11 21.34 -1.13
CA ARG A 98 -10.90 20.54 -1.00
C ARG A 98 -9.82 21.22 -0.17
N TYR A 99 -9.85 22.55 -0.13
CA TYR A 99 -8.87 23.27 0.65
C TYR A 99 -9.53 24.19 1.68
N SER A 100 -10.85 24.04 1.81
CA SER A 100 -11.61 24.82 2.79
C SER A 100 -11.36 26.32 2.69
N ASP A 101 -11.31 26.83 1.46
CA ASP A 101 -10.88 28.21 1.21
C ASP A 101 -11.98 29.19 1.60
N GLY A 102 -11.66 30.07 2.55
CA GLY A 102 -12.66 30.96 3.10
C GLY A 102 -13.07 32.07 2.14
N THR A 103 -12.12 32.56 1.36
CA THR A 103 -12.45 33.60 0.39
C THR A 103 -13.34 33.03 -0.71
N ALA A 104 -12.99 31.83 -1.17
CA ALA A 104 -13.82 31.10 -2.13
C ALA A 104 -15.26 30.93 -1.65
N ALA A 105 -15.41 30.52 -0.40
CA ALA A 105 -16.73 30.35 0.20
C ALA A 105 -17.51 31.66 0.21
N ASN A 106 -16.87 32.73 0.66
CA ASN A 106 -17.49 34.05 0.66
C ASN A 106 -17.96 34.48 -0.72
N LEU A 107 -17.18 34.14 -1.74
CA LEU A 107 -17.53 34.49 -3.11
C LEU A 107 -18.73 33.70 -3.62
N LEU A 108 -18.80 32.42 -3.24
CA LEU A 108 -19.92 31.57 -3.58
C LEU A 108 -21.18 32.03 -2.88
N LEU A 109 -21.04 32.44 -1.63
CA LEU A 109 -22.14 33.04 -0.88
C LEU A 109 -22.69 34.26 -1.61
N ALA A 110 -21.78 35.11 -2.06
CA ALA A 110 -22.12 36.32 -2.80
C ALA A 110 -22.87 35.96 -4.08
N ASP A 111 -22.45 34.87 -4.72
CA ASP A 111 -23.08 34.42 -5.95
C ASP A 111 -24.54 34.01 -5.72
N LEU A 112 -24.84 33.49 -4.54
CA LEU A 112 -26.21 33.16 -4.19
C LEU A 112 -27.03 34.44 -4.07
N GLY A 113 -26.37 35.52 -3.65
CA GLY A 113 -26.97 36.83 -3.58
C GLY A 113 -27.86 37.04 -2.37
N GLY A 114 -28.39 38.25 -2.25
CA GLY A 114 -29.33 38.58 -1.19
C GLY A 114 -28.66 39.05 0.08
N PRO A 115 -29.47 39.40 1.08
CA PRO A 115 -29.04 39.96 2.37
C PRO A 115 -28.09 39.04 3.13
N GLY A 116 -27.29 39.61 4.02
CA GLY A 116 -26.29 38.86 4.75
C GLY A 116 -25.18 38.30 3.89
N GLY A 117 -24.94 38.93 2.75
CA GLY A 117 -23.89 38.49 1.83
C GLY A 117 -24.09 37.08 1.33
N GLY A 118 -25.34 36.62 1.28
CA GLY A 118 -25.63 35.28 0.79
C GLY A 118 -26.04 34.30 1.86
N THR A 119 -25.87 34.69 3.12
CA THR A 119 -26.18 33.78 4.23
C THR A 119 -27.65 33.43 4.31
N ALA A 120 -28.52 34.41 4.05
CA ALA A 120 -29.97 34.14 4.04
C ALA A 120 -30.34 33.13 2.96
N ALA A 121 -29.77 33.29 1.77
CA ALA A 121 -30.06 32.41 0.65
C ALA A 121 -29.59 30.98 0.93
N PHE A 122 -28.37 30.86 1.45
CA PHE A 122 -27.83 29.56 1.88
C PHE A 122 -28.75 28.89 2.87
N THR A 123 -29.16 29.64 3.90
CA THR A 123 -30.06 29.11 4.91
C THR A 123 -31.38 28.68 4.27
N GLY A 124 -31.84 29.47 3.31
CA GLY A 124 -32.99 29.13 2.51
C GLY A 124 -32.82 27.81 1.78
N TYR A 125 -31.62 27.58 1.26
CA TYR A 125 -31.32 26.31 0.60
C TYR A 125 -31.47 25.11 1.53
N LEU A 126 -30.91 25.21 2.73
CA LEU A 126 -31.05 24.16 3.73
C LEU A 126 -32.51 23.87 4.04
N ARG A 127 -33.33 24.91 4.12
CA ARG A 127 -34.75 24.73 4.39
C ARG A 127 -35.40 23.88 3.32
N SER A 128 -34.94 24.03 2.08
CA SER A 128 -35.49 23.29 0.96
C SER A 128 -35.17 21.82 1.05
N LEU A 129 -34.17 21.47 1.85
CA LEU A 129 -33.84 20.08 2.09
C LEU A 129 -34.45 19.57 3.39
N GLY A 130 -35.40 20.34 3.93
CA GLY A 130 -36.09 19.95 5.15
C GLY A 130 -35.37 20.26 6.45
N ASP A 131 -34.25 20.97 6.35
CA ASP A 131 -33.48 21.34 7.54
C ASP A 131 -33.98 22.68 8.08
N THR A 132 -34.77 22.62 9.15
CA THR A 132 -35.31 23.83 9.75
C THR A 132 -34.47 24.35 10.91
N VAL A 133 -33.39 23.65 11.22
CA VAL A 133 -32.66 23.92 12.45
C VAL A 133 -31.43 24.78 12.20
N SER A 134 -30.66 24.44 11.17
CA SER A 134 -29.40 25.11 10.92
C SER A 134 -29.60 26.55 10.44
N ARG A 135 -28.60 27.39 10.67
CA ARG A 135 -28.64 28.76 10.19
C ARG A 135 -27.23 29.30 9.98
N LEU A 136 -27.04 30.03 8.89
CA LEU A 136 -25.79 30.74 8.65
C LEU A 136 -26.03 32.25 8.61
N ASP A 137 -25.29 32.99 9.43
CA ASP A 137 -25.58 34.41 9.64
C ASP A 137 -24.40 35.30 9.31
N ALA A 138 -23.21 34.72 9.23
CA ALA A 138 -22.00 35.50 9.00
C ALA A 138 -21.10 34.78 8.00
N GLU A 139 -20.12 35.49 7.49
CA GLU A 139 -19.10 34.87 6.64
C GLU A 139 -17.77 34.58 7.33
N ALA A 140 -16.80 34.15 6.54
CA ALA A 140 -15.46 33.86 7.05
C ALA A 140 -14.76 35.18 7.35
N PRO A 141 -14.00 35.23 8.46
CA PRO A 141 -13.78 34.18 9.45
C PRO A 141 -14.74 34.27 10.64
N GLU A 142 -15.56 35.30 10.69
CA GLU A 142 -16.44 35.54 11.85
C GLU A 142 -17.32 34.35 12.22
N LEU A 143 -17.73 33.57 11.24
CA LEU A 143 -18.64 32.45 11.50
C LEU A 143 -18.04 31.37 12.41
N ASN A 144 -16.72 31.40 12.58
CA ASN A 144 -16.03 30.44 13.44
C ASN A 144 -15.90 30.96 14.86
N ARG A 145 -16.36 32.20 15.08
CA ARG A 145 -15.94 32.98 16.24
C ARG A 145 -17.07 33.39 17.19
N ASP A 146 -18.28 32.96 16.90
CA ASP A 146 -19.38 33.24 17.82
C ASP A 146 -19.19 32.58 19.15
N PRO A 147 -19.68 33.23 20.21
CA PRO A 147 -19.61 32.71 21.58
C PRO A 147 -20.46 31.46 21.76
N PRO A 148 -20.07 30.58 22.69
CA PRO A 148 -20.91 29.46 23.10
C PRO A 148 -22.29 29.95 23.52
N GLY A 149 -23.33 29.24 23.10
CA GLY A 149 -24.69 29.64 23.40
C GLY A 149 -25.37 30.42 22.28
N ASP A 150 -24.57 31.07 21.45
CA ASP A 150 -25.15 31.81 20.33
C ASP A 150 -25.72 30.84 19.30
N GLU A 151 -26.96 31.06 18.88
CA GLU A 151 -27.57 30.19 17.89
C GLU A 151 -27.03 30.45 16.49
N ARG A 152 -26.44 31.61 16.28
CA ARG A 152 -25.96 31.99 14.95
C ARG A 152 -24.91 31.03 14.42
N ASP A 153 -25.00 30.74 13.12
CA ASP A 153 -24.00 29.97 12.42
C ASP A 153 -23.83 28.56 13.00
N THR A 154 -24.93 27.99 13.48
CA THR A 154 -24.89 26.67 14.08
C THR A 154 -25.72 25.67 13.30
N THR A 155 -25.38 24.39 13.46
CA THR A 155 -26.19 23.30 12.98
C THR A 155 -26.24 22.24 14.08
N THR A 156 -26.78 21.07 13.78
CA THR A 156 -26.68 19.95 14.70
C THR A 156 -26.15 18.76 13.92
N PRO A 157 -25.51 17.82 14.60
CA PRO A 157 -25.04 16.61 13.92
C PRO A 157 -26.17 15.91 13.17
N HIS A 158 -27.33 15.84 13.79
CA HIS A 158 -28.52 15.27 13.17
C HIS A 158 -28.87 15.98 11.86
N ALA A 159 -28.93 17.31 11.92
CA ALA A 159 -29.42 18.10 10.80
C ALA A 159 -28.47 18.03 9.62
N ILE A 160 -27.18 18.22 9.89
CA ILE A 160 -26.19 18.24 8.82
C ILE A 160 -25.98 16.87 8.15
N ALA A 161 -26.12 15.80 8.91
CA ALA A 161 -26.03 14.45 8.35
C ALA A 161 -27.14 14.17 7.35
N LEU A 162 -28.36 14.60 7.68
CA LEU A 162 -29.51 14.36 6.79
C LEU A 162 -29.39 15.18 5.52
N VAL A 163 -28.82 16.38 5.64
CA VAL A 163 -28.53 17.20 4.47
C VAL A 163 -27.53 16.52 3.57
N LEU A 164 -26.41 16.09 4.16
CA LEU A 164 -25.35 15.44 3.38
C LEU A 164 -25.83 14.16 2.71
N GLN A 165 -26.68 13.42 3.42
CA GLN A 165 -27.27 12.21 2.87
C GLN A 165 -28.02 12.51 1.57
N GLN A 166 -28.89 13.51 1.61
CA GLN A 166 -29.65 13.89 0.42
C GLN A 166 -28.77 14.33 -0.73
N LEU A 167 -27.70 15.06 -0.40
CA LEU A 167 -26.81 15.60 -1.43
C LEU A 167 -25.99 14.53 -2.13
N VAL A 168 -25.50 13.56 -1.36
CA VAL A 168 -24.58 12.57 -1.91
C VAL A 168 -25.24 11.24 -2.26
N LEU A 169 -26.12 10.77 -1.39
CA LEU A 169 -26.77 9.48 -1.61
C LEU A 169 -28.17 9.62 -2.19
N GLY A 170 -28.82 10.75 -1.93
CA GLY A 170 -30.18 10.98 -2.39
C GLY A 170 -30.26 11.74 -3.68
N ASN A 171 -31.43 12.32 -3.95
CA ASN A 171 -31.70 12.93 -5.24
C ASN A 171 -31.80 14.45 -5.18
N ALA A 172 -31.17 15.05 -4.18
CA ALA A 172 -31.19 16.51 -4.05
C ALA A 172 -30.59 17.19 -5.27
N LEU A 173 -29.59 16.54 -5.85
CA LEU A 173 -28.95 17.04 -7.06
C LEU A 173 -29.10 16.02 -8.18
N PRO A 174 -29.10 16.50 -9.43
CA PRO A 174 -29.05 15.57 -10.56
C PRO A 174 -27.69 14.90 -10.64
N PRO A 175 -27.62 13.72 -11.27
CA PRO A 175 -26.43 12.87 -11.29
C PRO A 175 -25.16 13.60 -11.69
N ASP A 176 -25.23 14.48 -12.68
CA ASP A 176 -24.03 15.19 -13.14
C ASP A 176 -23.47 16.15 -12.08
N LYS A 177 -24.37 16.85 -11.41
CA LYS A 177 -23.99 17.82 -10.39
C LYS A 177 -23.56 17.09 -9.13
N ARG A 178 -24.28 16.02 -8.83
CA ARG A 178 -23.96 15.14 -7.71
C ARG A 178 -22.55 14.57 -7.81
N ALA A 179 -22.15 14.15 -8.99
CA ALA A 179 -20.81 13.62 -9.21
C ALA A 179 -19.72 14.65 -8.90
N LEU A 180 -19.96 15.91 -9.24
CA LEU A 180 -18.97 16.95 -9.01
C LEU A 180 -18.75 17.16 -7.51
N LEU A 181 -19.83 17.31 -6.77
CA LEU A 181 -19.76 17.48 -5.33
C LEU A 181 -19.09 16.30 -4.64
N THR A 182 -19.51 15.10 -5.03
CA THR A 182 -18.92 13.87 -4.51
C THR A 182 -17.41 13.79 -4.76
N ASP A 183 -17.04 14.11 -5.99
CA ASP A 183 -15.65 14.08 -6.38
C ASP A 183 -14.81 15.08 -5.60
N TRP A 184 -15.32 16.30 -5.39
CA TRP A 184 -14.57 17.29 -4.63
C TRP A 184 -14.40 16.87 -3.18
N MET A 185 -15.43 16.32 -2.58
CA MET A 185 -15.32 15.83 -1.21
C MET A 185 -14.36 14.65 -1.15
N ALA A 186 -14.40 13.81 -2.19
CA ALA A 186 -13.54 12.63 -2.25
C ALA A 186 -12.06 13.01 -2.26
N ARG A 187 -11.76 14.15 -2.89
CA ARG A 187 -10.37 14.59 -3.03
C ARG A 187 -10.01 15.69 -2.03
N ASN A 188 -10.80 15.78 -0.96
CA ASN A 188 -10.53 16.72 0.13
C ASN A 188 -9.13 16.54 0.70
N THR A 189 -8.47 17.65 0.98
CA THR A 189 -7.10 17.61 1.50
C THR A 189 -6.99 17.83 3.01
N THR A 190 -8.10 18.20 3.65
CA THR A 190 -8.03 18.71 5.03
C THR A 190 -8.48 17.72 6.10
N GLY A 191 -8.85 16.51 5.72
CA GLY A 191 -9.55 15.62 6.62
C GLY A 191 -8.78 14.39 7.08
N ALA A 192 -7.50 14.35 6.77
CA ALA A 192 -6.70 13.15 7.00
C ALA A 192 -6.66 12.68 8.44
N LYS A 193 -6.73 13.63 9.38
CA LYS A 193 -6.55 13.29 10.79
C LYS A 193 -7.85 13.12 11.56
N ARG A 194 -8.96 13.13 10.83
CA ARG A 194 -10.27 13.08 11.49
C ARG A 194 -11.02 11.80 11.17
N ILE A 195 -12.18 11.88 10.52
CA ILE A 195 -12.96 10.69 10.29
C ILE A 195 -12.16 9.67 9.49
N ARG A 196 -11.40 10.15 8.51
CA ARG A 196 -10.53 9.28 7.72
C ARG A 196 -9.60 8.46 8.61
N ALA A 197 -9.08 9.08 9.67
CA ALA A 197 -8.15 8.40 10.57
C ALA A 197 -8.83 7.33 11.42
N GLY A 198 -10.17 7.39 11.50
CA GLY A 198 -10.93 6.47 12.34
C GLY A 198 -11.46 5.25 11.60
N PHE A 199 -11.43 5.32 10.28
CA PHE A 199 -11.90 4.24 9.41
C PHE A 199 -10.76 3.53 8.73
N PRO A 200 -10.81 2.20 8.72
CA PRO A 200 -9.72 1.47 8.08
C PRO A 200 -9.60 1.83 6.61
N ALA A 201 -8.40 1.65 6.06
CA ALA A 201 -8.09 2.13 4.72
C ALA A 201 -9.01 1.57 3.63
N ASP A 202 -9.56 0.39 3.85
CA ASP A 202 -10.44 -0.25 2.85
C ASP A 202 -11.87 0.28 2.85
N TRP A 203 -12.14 1.25 3.71
CA TRP A 203 -13.40 1.97 3.66
C TRP A 203 -13.08 3.23 2.87
N LYS A 204 -13.93 3.59 1.92
CA LYS A 204 -13.80 4.88 1.26
C LYS A 204 -14.40 5.97 2.11
N VAL A 205 -13.73 7.10 2.17
CA VAL A 205 -14.22 8.24 2.92
C VAL A 205 -14.16 9.55 2.14
N ILE A 206 -15.30 10.23 2.04
CA ILE A 206 -15.33 11.57 1.49
C ILE A 206 -15.80 12.48 2.62
N ASP A 207 -15.25 13.69 2.72
CA ASP A 207 -15.55 14.53 3.88
C ASP A 207 -15.33 16.02 3.68
N LYS A 208 -15.86 16.79 4.63
CA LYS A 208 -15.59 18.22 4.72
C LYS A 208 -15.39 18.56 6.19
N THR A 209 -14.25 19.17 6.50
CA THR A 209 -13.92 19.49 7.87
C THR A 209 -14.39 20.87 8.29
N GLY A 210 -14.39 21.09 9.60
CA GLY A 210 -14.61 22.41 10.16
C GLY A 210 -13.76 22.61 11.41
N THR A 211 -13.16 23.78 11.54
CA THR A 211 -12.29 24.07 12.68
C THR A 211 -12.54 25.49 13.14
N GLY A 212 -12.49 25.72 14.45
CA GLY A 212 -12.80 27.03 14.98
C GLY A 212 -12.25 27.27 16.38
N ASP A 213 -12.56 28.45 16.92
CA ASP A 213 -12.21 28.79 18.29
C ASP A 213 -13.08 28.03 19.28
N TYR A 214 -12.84 28.26 20.57
CA TYR A 214 -13.45 27.44 21.61
C TYR A 214 -13.26 25.94 21.36
N GLY A 215 -12.10 25.59 20.80
CA GLY A 215 -11.73 24.21 20.60
C GLY A 215 -12.64 23.49 19.65
N ARG A 216 -13.22 24.23 18.69
CA ARG A 216 -14.15 23.65 17.74
C ARG A 216 -13.45 22.81 16.68
N ALA A 217 -13.90 21.58 16.53
CA ALA A 217 -13.41 20.70 15.47
C ALA A 217 -14.54 19.82 14.97
N ASN A 218 -14.85 19.91 13.68
CA ASN A 218 -15.94 19.12 13.12
C ASN A 218 -15.45 18.33 11.92
N ASP A 219 -16.21 17.32 11.54
CA ASP A 219 -16.00 16.66 10.26
C ASP A 219 -17.28 15.95 9.85
N ILE A 220 -17.63 16.10 8.57
CA ILE A 220 -18.80 15.42 8.03
C ILE A 220 -18.38 14.57 6.84
N ALA A 221 -18.88 13.34 6.79
CA ALA A 221 -18.40 12.39 5.81
C ALA A 221 -19.51 11.47 5.32
N VAL A 222 -19.30 10.93 4.13
CA VAL A 222 -19.98 9.73 3.70
C VAL A 222 -18.93 8.64 3.54
N VAL A 223 -19.22 7.47 4.09
CA VAL A 223 -18.28 6.34 3.98
C VAL A 223 -18.93 5.18 3.26
N TRP A 224 -18.10 4.35 2.62
CA TRP A 224 -18.56 3.13 1.99
C TRP A 224 -17.78 1.95 2.53
N SER A 225 -18.49 0.91 2.95
CA SER A 225 -17.85 -0.27 3.48
C SER A 225 -17.04 -0.95 2.37
N PRO A 226 -16.20 -1.92 2.74
CA PRO A 226 -15.40 -2.66 1.75
C PRO A 226 -16.26 -3.38 0.73
N THR A 227 -17.55 -3.53 1.03
CA THR A 227 -18.49 -4.12 0.06
C THR A 227 -19.46 -3.10 -0.52
N GLY A 228 -19.18 -1.81 -0.27
CA GLY A 228 -19.88 -0.75 -0.96
C GLY A 228 -21.12 -0.23 -0.26
N VAL A 229 -21.28 -0.54 1.02
CA VAL A 229 -22.45 -0.09 1.75
C VAL A 229 -22.17 1.29 2.33
N PRO A 230 -22.99 2.28 1.97
CA PRO A 230 -22.74 3.66 2.41
C PRO A 230 -23.39 4.02 3.73
N TYR A 231 -22.69 4.86 4.50
CA TYR A 231 -23.24 5.45 5.71
C TYR A 231 -22.86 6.92 5.75
N VAL A 232 -23.69 7.74 6.38
CA VAL A 232 -23.33 9.13 6.57
C VAL A 232 -22.90 9.32 8.02
N VAL A 233 -21.80 10.04 8.21
CA VAL A 233 -21.26 10.25 9.53
C VAL A 233 -20.98 11.70 9.84
N ALA A 234 -21.65 12.24 10.85
CA ALA A 234 -21.38 13.61 11.28
C ALA A 234 -20.83 13.59 12.70
N VAL A 235 -19.65 14.17 12.88
CA VAL A 235 -19.06 14.29 14.19
C VAL A 235 -18.64 15.73 14.47
N MET A 236 -19.09 16.27 15.60
CA MET A 236 -18.81 17.65 15.96
C MET A 236 -18.34 17.76 17.40
N SER A 237 -17.46 18.73 17.66
CA SER A 237 -16.96 18.91 19.02
C SER A 237 -16.56 20.36 19.26
N ASP A 238 -16.59 20.75 20.52
CA ASP A 238 -15.99 22.01 20.99
C ASP A 238 -15.53 21.88 22.43
N ARG A 239 -14.76 22.86 22.87
CA ARG A 239 -14.22 22.86 24.23
C ARG A 239 -14.42 24.19 24.93
N ALA A 240 -15.69 24.58 25.10
CA ALA A 240 -16.02 25.92 25.57
C ALA A 240 -15.47 26.23 26.95
N GLY A 241 -15.22 25.19 27.74
CA GLY A 241 -14.71 25.35 29.08
C GLY A 241 -13.35 25.99 29.11
N GLY A 242 -12.63 25.88 28.00
CA GLY A 242 -11.32 26.49 27.89
C GLY A 242 -11.34 27.88 27.30
N GLY A 243 -12.53 28.40 27.03
CA GLY A 243 -12.65 29.73 26.46
C GLY A 243 -12.20 29.82 25.02
N TYR A 244 -12.09 31.06 24.53
CA TYR A 244 -11.85 31.33 23.12
C TYR A 244 -10.61 30.63 22.59
N ASP A 245 -9.56 30.59 23.41
CA ASP A 245 -8.28 30.05 22.98
C ASP A 245 -8.14 28.53 23.15
N ALA A 246 -9.22 27.86 23.55
CA ALA A 246 -9.15 26.40 23.73
C ALA A 246 -8.75 25.69 22.44
N GLU A 247 -7.88 24.70 22.56
CA GLU A 247 -7.35 24.01 21.38
C GLU A 247 -8.30 22.92 20.90
N PRO A 248 -8.57 22.89 19.59
CA PRO A 248 -9.33 21.81 18.95
C PRO A 248 -8.61 20.49 19.09
N ARG A 249 -9.35 19.38 19.22
CA ARG A 249 -8.71 18.07 19.37
C ARG A 249 -9.08 17.16 18.20
N GLU A 250 -8.19 17.04 17.22
CA GLU A 250 -8.49 16.20 16.06
C GLU A 250 -8.69 14.75 16.48
N ALA A 251 -7.89 14.30 17.45
CA ALA A 251 -7.86 12.90 17.86
C ALA A 251 -9.22 12.43 18.37
N LEU A 252 -9.96 13.37 18.94
CA LEU A 252 -11.29 13.07 19.46
C LEU A 252 -12.19 12.58 18.34
N LEU A 253 -12.13 13.28 17.20
CA LEU A 253 -12.92 12.90 16.05
C LEU A 253 -12.51 11.55 15.46
N ALA A 254 -11.20 11.31 15.39
CA ALA A 254 -10.71 10.05 14.85
C ALA A 254 -11.12 8.88 15.73
N GLU A 255 -11.04 9.08 17.04
CA GLU A 255 -11.43 8.06 18.01
C GLU A 255 -12.93 7.76 17.98
N ALA A 256 -13.73 8.81 17.93
CA ALA A 256 -15.18 8.66 17.82
C ALA A 256 -15.55 7.90 16.55
N ALA A 257 -14.90 8.25 15.45
CA ALA A 257 -15.12 7.57 14.19
C ALA A 257 -14.77 6.08 14.28
N THR A 258 -13.72 5.76 15.01
CA THR A 258 -13.33 4.37 15.22
C THR A 258 -14.44 3.62 15.95
N CYS A 259 -15.01 4.27 16.96
CA CYS A 259 -16.13 3.69 17.71
C CYS A 259 -17.28 3.39 16.76
N VAL A 260 -17.63 4.38 15.94
CA VAL A 260 -18.66 4.23 14.92
C VAL A 260 -18.38 3.07 13.95
N ALA A 261 -17.15 3.02 13.43
CA ALA A 261 -16.76 1.98 12.49
C ALA A 261 -16.98 0.59 13.08
N GLY A 262 -16.71 0.45 14.38
CA GLY A 262 -16.82 -0.83 15.06
C GLY A 262 -18.27 -1.27 15.11
N VAL A 263 -19.17 -0.31 15.23
CA VAL A 263 -20.60 -0.60 15.26
C VAL A 263 -21.13 -0.97 13.88
N LEU A 264 -20.60 -0.31 12.85
CA LEU A 264 -21.07 -0.51 11.48
C LEU A 264 -20.50 -1.78 10.83
N ALA A 265 -19.43 -2.32 11.41
CA ALA A 265 -18.80 -3.52 10.86
C ALA A 265 -19.66 -4.77 11.02
N ASP B 1 20.92 6.69 -26.35
CA ASP B 1 19.58 6.19 -26.70
C ASP B 1 18.70 6.17 -25.49
N LEU B 2 19.30 6.33 -24.32
CA LEU B 2 18.55 6.82 -23.18
C LEU B 2 18.09 8.26 -23.46
N ALA B 3 19.04 9.12 -23.83
CA ALA B 3 18.72 10.45 -24.32
C ALA B 3 17.61 10.41 -25.37
N ASP B 4 17.54 9.31 -26.11
CA ASP B 4 16.57 9.17 -27.18
C ASP B 4 15.20 8.81 -26.63
N ARG B 5 15.19 7.99 -25.59
CA ARG B 5 13.94 7.59 -24.95
C ARG B 5 13.37 8.72 -24.11
N PHE B 6 14.26 9.47 -23.45
CA PHE B 6 13.87 10.69 -22.76
C PHE B 6 13.19 11.66 -23.71
N ALA B 7 13.78 11.82 -24.90
CA ALA B 7 13.20 12.69 -25.91
C ALA B 7 11.81 12.20 -26.32
N GLU B 8 11.61 10.89 -26.32
CA GLU B 8 10.35 10.31 -26.74
C GLU B 8 9.26 10.54 -25.71
N LEU B 9 9.65 10.57 -24.44
CA LEU B 9 8.70 10.86 -23.37
C LEU B 9 8.25 12.30 -23.43
N GLU B 10 9.20 13.19 -23.68
CA GLU B 10 8.89 14.61 -23.90
C GLU B 10 7.80 14.78 -24.95
N ARG B 11 7.90 14.03 -26.04
CA ARG B 11 6.91 14.10 -27.11
C ARG B 11 5.55 13.54 -26.69
N ARG B 12 5.57 12.43 -25.96
CA ARG B 12 4.34 11.80 -25.53
C ARG B 12 3.54 12.66 -24.56
N TYR B 13 4.26 13.37 -23.70
CA TYR B 13 3.62 14.09 -22.59
C TYR B 13 3.61 15.59 -22.81
N ASP B 14 4.05 16.01 -24.00
CA ASP B 14 4.07 17.44 -24.36
C ASP B 14 4.72 18.26 -23.27
N ALA B 15 6.02 18.04 -23.07
CA ALA B 15 6.66 18.48 -21.85
C ALA B 15 8.17 18.57 -22.04
N ARG B 16 8.80 19.45 -21.28
CA ARG B 16 10.25 19.48 -21.17
C ARG B 16 10.68 18.72 -19.91
N LEU B 17 11.68 17.86 -20.05
CA LEU B 17 12.08 17.00 -18.96
C LEU B 17 13.56 17.17 -18.65
N GLY B 18 13.88 17.19 -17.36
CA GLY B 18 15.27 17.26 -16.92
C GLY B 18 15.63 16.14 -15.96
N VAL B 19 16.78 15.51 -16.19
CA VAL B 19 17.21 14.38 -15.39
C VAL B 19 18.68 14.46 -15.05
N TYR B 20 19.01 14.31 -13.78
CA TYR B 20 20.37 14.03 -13.39
C TYR B 20 20.46 12.88 -12.38
N VAL B 21 21.33 11.92 -12.69
CA VAL B 21 21.82 10.99 -11.68
C VAL B 21 23.34 11.12 -11.56
N PRO B 22 23.82 11.54 -10.38
CA PRO B 22 25.25 11.66 -10.10
C PRO B 22 26.00 10.36 -10.37
N ALA B 23 27.26 10.50 -10.76
CA ALA B 23 28.14 9.36 -10.90
C ALA B 23 28.31 8.62 -9.58
N THR B 24 28.58 7.33 -9.67
CA THR B 24 29.16 6.59 -8.56
C THR B 24 30.54 6.07 -8.94
N GLY B 25 31.01 5.06 -8.22
CA GLY B 25 32.25 4.40 -8.55
C GLY B 25 32.10 3.39 -9.68
N THR B 26 30.86 3.05 -10.00
CA THR B 26 30.59 2.02 -11.00
C THR B 26 29.81 2.56 -12.19
N THR B 27 28.89 3.49 -11.93
CA THR B 27 28.05 4.03 -13.00
C THR B 27 28.47 5.44 -13.38
N ALA B 28 28.20 5.79 -14.63
CA ALA B 28 28.39 7.17 -15.09
C ALA B 28 27.21 8.02 -14.69
N ALA B 29 27.41 9.34 -14.68
CA ALA B 29 26.31 10.27 -14.53
C ALA B 29 25.28 10.07 -15.65
N ILE B 30 24.01 10.08 -15.26
CA ILE B 30 22.93 10.28 -16.23
C ILE B 30 22.55 11.76 -16.25
N GLU B 31 22.60 12.35 -17.44
CA GLU B 31 22.21 13.74 -17.61
C GLU B 31 21.35 13.94 -18.84
N TYR B 32 20.14 14.46 -18.63
CA TYR B 32 19.31 14.94 -19.73
C TYR B 32 18.75 16.33 -19.37
N ARG B 33 19.21 17.34 -20.11
CA ARG B 33 18.91 18.74 -19.77
C ARG B 33 19.29 19.06 -18.34
N ALA B 34 20.40 18.49 -17.88
CA ALA B 34 20.75 18.53 -16.46
C ALA B 34 21.20 19.91 -16.04
N ASP B 35 21.64 20.71 -17.00
CA ASP B 35 22.14 22.05 -16.73
C ASP B 35 21.17 23.13 -17.20
N GLU B 36 20.07 22.70 -17.81
CA GLU B 36 18.95 23.61 -18.08
C GLU B 36 18.20 23.93 -16.80
N ARG B 37 17.54 25.08 -16.78
CA ARG B 37 16.87 25.57 -15.58
C ARG B 37 15.41 25.15 -15.52
N PHE B 38 14.95 24.80 -14.32
CA PHE B 38 13.57 24.41 -14.10
C PHE B 38 13.05 25.10 -12.84
N ALA B 39 11.73 25.32 -12.79
CA ALA B 39 11.11 25.93 -11.63
C ALA B 39 11.39 25.12 -10.38
N PHE B 40 11.88 25.78 -9.34
CA PHE B 40 12.18 25.11 -8.07
C PHE B 40 10.96 24.45 -7.47
N CYS B 41 9.87 25.21 -7.36
CA CYS B 41 8.65 24.71 -6.74
C CYS B 41 8.96 24.21 -5.33
N SER B 42 8.19 23.61 -4.39
CA SER B 42 8.24 22.92 -3.10
C SER B 42 9.52 22.08 -3.01
N THR B 43 10.39 21.81 -4.01
CA THR B 43 11.46 20.86 -3.72
C THR B 43 12.55 21.47 -2.84
N PHE B 44 12.55 22.80 -2.75
CA PHE B 44 13.53 23.52 -1.95
C PHE B 44 13.32 23.27 -0.47
N LYS B 45 12.14 22.75 -0.12
CA LYS B 45 11.79 22.50 1.27
C LYS B 45 12.71 21.47 1.93
N ALA B 46 13.32 20.62 1.11
CA ALA B 46 14.23 19.60 1.61
C ALA B 46 15.49 20.23 2.20
N PRO B 47 16.20 21.00 1.38
CA PRO B 47 17.41 21.69 1.84
C PRO B 47 17.09 22.75 2.89
N LEU B 48 15.85 23.23 2.91
CA LEU B 48 15.42 24.21 3.89
C LEU B 48 15.41 23.58 5.28
N VAL B 49 14.77 22.42 5.39
CA VAL B 49 14.74 21.68 6.65
C VAL B 49 16.15 21.38 7.14
N ALA B 50 17.03 21.06 6.19
CA ALA B 50 18.44 20.85 6.53
C ALA B 50 19.06 22.09 7.14
N ALA B 51 18.75 23.25 6.56
CA ALA B 51 19.32 24.51 7.01
C ALA B 51 18.95 24.78 8.47
N VAL B 52 17.69 24.53 8.80
CA VAL B 52 17.19 24.77 10.15
C VAL B 52 17.80 23.78 11.13
N LEU B 53 17.82 22.51 10.73
CA LEU B 53 18.51 21.47 11.49
C LEU B 53 19.95 21.87 11.77
N HIS B 54 20.61 22.40 10.76
CA HIS B 54 22.04 22.66 10.84
C HIS B 54 22.38 23.78 11.81
N GLN B 55 21.54 24.82 11.82
CA GLN B 55 21.87 26.04 12.53
C GLN B 55 21.50 25.94 13.99
N ASN B 56 20.85 24.84 14.36
CA ASN B 56 20.25 24.74 15.68
C ASN B 56 20.57 23.41 16.35
N PRO B 57 20.56 23.41 17.69
CA PRO B 57 20.58 22.17 18.48
C PRO B 57 19.26 21.42 18.31
N LEU B 58 19.28 20.12 18.57
CA LEU B 58 18.11 19.28 18.38
C LEU B 58 16.92 19.78 19.18
N THR B 59 17.20 20.39 20.33
CA THR B 59 16.14 20.79 21.25
C THR B 59 15.35 21.97 20.71
N HIS B 60 15.85 22.57 19.65
CA HIS B 60 15.19 23.70 19.01
C HIS B 60 13.87 23.27 18.36
N LEU B 61 13.75 21.98 18.09
CA LEU B 61 12.58 21.46 17.41
C LEU B 61 11.37 21.43 18.32
N ASP B 62 11.60 21.55 19.63
CA ASP B 62 10.53 21.52 20.60
C ASP B 62 9.83 22.89 20.73
N LYS B 63 10.44 23.91 20.13
CA LYS B 63 9.93 25.27 20.27
C LYS B 63 8.62 25.46 19.52
N LEU B 64 7.66 26.09 20.18
CA LEU B 64 6.33 26.27 19.62
C LEU B 64 6.24 27.55 18.79
N ILE B 65 5.64 27.44 17.61
CA ILE B 65 5.48 28.58 16.72
C ILE B 65 4.01 28.88 16.48
N THR B 66 3.56 30.04 16.94
CA THR B 66 2.18 30.46 16.73
C THR B 66 2.05 31.29 15.47
N TYR B 67 0.87 31.23 14.85
CA TYR B 67 0.58 31.98 13.63
C TYR B 67 -0.93 32.19 13.52
N THR B 68 -1.37 32.84 12.46
CA THR B 68 -2.78 33.18 12.33
C THR B 68 -3.42 32.56 11.11
N SER B 69 -4.75 32.59 11.09
CA SER B 69 -5.52 32.23 9.91
C SER B 69 -5.03 32.95 8.66
N ASP B 70 -4.58 34.18 8.84
CA ASP B 70 -4.20 35.03 7.70
C ASP B 70 -2.77 34.76 7.24
N ASP B 71 -2.09 33.87 7.93
CA ASP B 71 -0.80 33.37 7.47
C ASP B 71 -0.96 32.22 6.48
N ILE B 72 -2.19 31.71 6.34
CA ILE B 72 -2.46 30.67 5.36
C ILE B 72 -2.80 31.28 4.00
N ARG B 73 -1.79 31.39 3.15
CA ARG B 73 -1.93 32.06 1.86
C ARG B 73 -1.41 31.17 0.76
N SER B 74 -1.00 29.97 1.14
CA SER B 74 -0.66 28.93 0.18
C SER B 74 -1.13 27.57 0.72
N ILE B 75 -1.03 26.54 -0.10
CA ILE B 75 -1.53 25.22 0.27
C ILE B 75 -0.70 24.62 1.41
N SER B 76 -1.41 24.17 2.45
CA SER B 76 -0.82 24.04 3.77
C SER B 76 -1.60 23.02 4.61
N PRO B 77 -1.51 21.75 4.21
CA PRO B 77 -2.47 20.72 4.65
C PRO B 77 -2.43 20.48 6.15
N VAL B 78 -1.30 20.76 6.78
CA VAL B 78 -1.16 20.55 8.22
C VAL B 78 -1.35 21.83 9.00
N ALA B 79 -0.60 22.86 8.64
CA ALA B 79 -0.65 24.14 9.35
C ALA B 79 -2.06 24.73 9.37
N GLN B 80 -2.82 24.48 8.31
CA GLN B 80 -4.19 24.96 8.23
C GLN B 80 -5.06 24.42 9.36
N GLN B 81 -4.66 23.28 9.94
CA GLN B 81 -5.45 22.64 10.97
C GLN B 81 -4.95 22.95 12.38
N HIS B 82 -3.95 23.83 12.46
CA HIS B 82 -3.27 24.05 13.74
C HIS B 82 -3.07 25.54 14.02
N VAL B 83 -4.01 26.35 13.54
CA VAL B 83 -3.99 27.78 13.85
C VAL B 83 -4.25 28.03 15.34
N GLN B 84 -5.18 27.26 15.91
CA GLN B 84 -5.67 27.55 17.25
C GLN B 84 -4.81 26.90 18.32
N THR B 85 -3.63 26.45 17.90
CA THR B 85 -2.92 25.40 18.58
C THR B 85 -1.42 25.64 18.54
N GLY B 86 -0.91 26.16 17.42
CA GLY B 86 0.51 26.27 17.22
C GLY B 86 1.11 25.02 16.59
N MET B 87 2.35 25.14 16.12
CA MET B 87 3.13 23.96 15.72
C MET B 87 4.60 24.13 16.13
N THR B 88 5.19 23.06 16.62
CA THR B 88 6.61 23.07 16.93
C THR B 88 7.44 23.07 15.65
N ILE B 89 8.72 23.43 15.80
CA ILE B 89 9.64 23.45 14.67
C ILE B 89 9.82 22.05 14.10
N GLY B 90 9.81 21.05 14.97
CA GLY B 90 9.87 19.66 14.53
C GLY B 90 8.65 19.29 13.69
N GLN B 91 7.48 19.77 14.10
CA GLN B 91 6.24 19.45 13.40
C GLN B 91 6.15 20.23 12.09
N LEU B 92 6.77 21.40 12.05
CA LEU B 92 6.80 22.21 10.84
C LEU B 92 7.74 21.57 9.81
N CYS B 93 8.90 21.11 10.28
CA CYS B 93 9.80 20.35 9.45
C CYS B 93 9.12 19.10 8.88
N ASP B 94 8.37 18.41 9.72
CA ASP B 94 7.61 17.24 9.30
C ASP B 94 6.64 17.58 8.16
N ALA B 95 5.83 18.62 8.38
CA ALA B 95 4.77 18.96 7.43
C ALA B 95 5.34 19.49 6.13
N ALA B 96 6.44 20.22 6.24
CA ALA B 96 7.08 20.80 5.07
C ALA B 96 7.49 19.70 4.08
N ILE B 97 8.02 18.62 4.61
CA ILE B 97 8.58 17.57 3.77
C ILE B 97 7.53 16.57 3.37
N ARG B 98 6.69 16.18 4.32
CA ARG B 98 5.81 15.03 4.14
C ARG B 98 4.50 15.42 3.49
N TYR B 99 4.13 16.69 3.61
CA TYR B 99 2.89 17.18 3.03
C TYR B 99 3.11 18.41 2.17
N SER B 100 4.37 18.80 2.00
CA SER B 100 4.73 19.98 1.21
C SER B 100 4.02 21.23 1.72
N ASP B 101 3.84 21.31 3.03
CA ASP B 101 3.09 22.40 3.65
C ASP B 101 3.75 23.74 3.37
N GLY B 102 3.04 24.62 2.65
CA GLY B 102 3.61 25.88 2.21
C GLY B 102 3.83 26.84 3.37
N THR B 103 2.83 26.96 4.24
CA THR B 103 2.92 27.82 5.41
C THR B 103 4.07 27.38 6.30
N ALA B 104 4.19 26.08 6.52
CA ALA B 104 5.27 25.54 7.35
C ALA B 104 6.64 25.94 6.82
N ALA B 105 6.79 25.92 5.49
CA ALA B 105 8.02 26.34 4.85
C ALA B 105 8.27 27.83 5.07
N ASN B 106 7.20 28.62 5.03
CA ASN B 106 7.31 30.05 5.30
C ASN B 106 7.80 30.30 6.72
N LEU B 107 7.23 29.57 7.67
CA LEU B 107 7.60 29.73 9.09
C LEU B 107 9.04 29.28 9.34
N LEU B 108 9.50 28.30 8.58
CA LEU B 108 10.84 27.76 8.77
C LEU B 108 11.89 28.69 8.18
N LEU B 109 11.53 29.35 7.10
CA LEU B 109 12.39 30.38 6.51
C LEU B 109 12.54 31.55 7.45
N ALA B 110 11.42 31.95 8.07
CA ALA B 110 11.45 33.03 9.07
C ALA B 110 12.37 32.65 10.22
N ASP B 111 12.28 31.39 10.66
CA ASP B 111 13.09 30.92 11.77
C ASP B 111 14.58 30.99 11.44
N LEU B 112 14.89 30.95 10.15
CA LEU B 112 16.27 31.10 9.70
C LEU B 112 16.80 32.48 10.05
N GLY B 113 15.91 33.45 10.12
CA GLY B 113 16.28 34.81 10.48
C GLY B 113 16.79 35.60 9.28
N GLY B 114 17.00 36.91 9.52
CA GLY B 114 17.77 37.71 8.59
C GLY B 114 16.95 38.23 7.43
N PRO B 115 17.63 38.87 6.48
CA PRO B 115 16.97 39.51 5.32
C PRO B 115 16.12 38.54 4.52
N GLY B 116 15.05 39.06 3.92
CA GLY B 116 14.40 38.39 2.81
C GLY B 116 13.33 37.42 3.27
N GLY B 117 13.05 37.41 4.58
CA GLY B 117 12.15 36.45 5.17
C GLY B 117 12.85 35.14 5.46
N GLY B 118 14.19 35.15 5.38
CA GLY B 118 14.97 33.93 5.49
C GLY B 118 15.63 33.54 4.19
N THR B 119 15.22 34.17 3.09
CA THR B 119 15.63 33.74 1.76
C THR B 119 17.11 33.96 1.52
N ALA B 120 17.66 34.96 2.18
CA ALA B 120 19.09 35.23 2.09
C ALA B 120 19.88 34.21 2.90
N ALA B 121 19.35 33.83 4.06
CA ALA B 121 19.99 32.81 4.89
C ALA B 121 19.94 31.45 4.20
N PHE B 122 18.80 31.15 3.58
CA PHE B 122 18.64 29.91 2.84
C PHE B 122 19.63 29.81 1.70
N THR B 123 19.61 30.82 0.83
CA THR B 123 20.58 30.89 -0.26
C THR B 123 22.01 30.76 0.26
N GLY B 124 22.29 31.45 1.37
CA GLY B 124 23.56 31.30 2.05
C GLY B 124 23.91 29.84 2.30
N TYR B 125 22.94 29.08 2.80
CA TYR B 125 23.17 27.69 3.15
C TYR B 125 23.46 26.85 1.91
N LEU B 126 22.77 27.15 0.82
CA LEU B 126 23.02 26.47 -0.44
C LEU B 126 24.46 26.70 -0.90
N ARG B 127 24.92 27.94 -0.79
CA ARG B 127 26.30 28.27 -1.17
C ARG B 127 27.29 27.51 -0.29
N SER B 128 26.95 27.34 0.98
CA SER B 128 27.78 26.56 1.89
C SER B 128 27.95 25.14 1.34
N LEU B 129 27.06 24.75 0.44
CA LEU B 129 27.02 23.37 -0.03
C LEU B 129 27.60 23.24 -1.43
N GLY B 130 28.11 24.35 -1.97
CA GLY B 130 28.75 24.34 -3.27
C GLY B 130 27.77 24.67 -4.38
N ASP B 131 26.57 25.08 -4.00
CA ASP B 131 25.50 25.29 -4.96
C ASP B 131 25.41 26.76 -5.36
N THR B 132 26.13 27.13 -6.42
CA THR B 132 26.15 28.52 -6.87
C THR B 132 25.03 28.80 -7.86
N VAL B 133 24.30 27.75 -8.22
CA VAL B 133 23.45 27.79 -9.39
C VAL B 133 22.03 28.20 -9.03
N SER B 134 21.57 27.74 -7.86
CA SER B 134 20.18 27.88 -7.50
C SER B 134 19.84 29.30 -7.11
N ARG B 135 18.73 29.79 -7.64
CA ARG B 135 18.27 31.14 -7.34
C ARG B 135 16.89 31.08 -6.71
N LEU B 136 16.57 32.05 -5.85
CA LEU B 136 15.34 32.00 -5.06
C LEU B 136 15.14 33.26 -4.23
N ASP B 137 13.91 33.77 -4.22
CA ASP B 137 13.66 35.18 -3.96
C ASP B 137 12.62 35.35 -2.87
N ASP B 146 5.67 31.82 -11.34
CA ASP B 146 6.75 32.57 -11.97
C ASP B 146 6.90 32.20 -13.44
N PRO B 147 6.66 33.17 -14.33
CA PRO B 147 6.54 32.97 -15.78
C PRO B 147 7.75 32.26 -16.37
N PRO B 148 7.55 31.53 -17.47
CA PRO B 148 8.63 30.86 -18.21
C PRO B 148 9.71 31.86 -18.64
N GLY B 149 10.97 31.50 -18.44
CA GLY B 149 12.07 32.37 -18.79
C GLY B 149 12.38 33.36 -17.67
N ASP B 150 11.64 33.24 -16.57
CA ASP B 150 11.94 33.99 -15.35
C ASP B 150 12.77 33.11 -14.41
N GLU B 151 14.02 33.50 -14.20
CA GLU B 151 14.98 32.62 -13.56
C GLU B 151 14.93 32.76 -12.04
N ARG B 152 13.93 33.48 -11.55
CA ARG B 152 13.64 33.52 -10.13
C ARG B 152 13.13 32.16 -9.65
N ASP B 153 13.67 31.70 -8.53
CA ASP B 153 13.26 30.44 -7.93
C ASP B 153 13.49 29.27 -8.88
N THR B 154 14.71 29.13 -9.37
CA THR B 154 15.05 28.04 -10.28
C THR B 154 16.30 27.30 -9.82
N THR B 155 16.41 26.04 -10.21
CA THR B 155 17.67 25.32 -10.12
C THR B 155 17.86 24.45 -11.36
N THR B 156 18.97 23.72 -11.41
CA THR B 156 19.13 22.66 -12.39
C THR B 156 19.05 21.29 -11.71
N PRO B 157 18.62 20.27 -12.45
CA PRO B 157 18.67 18.87 -11.99
C PRO B 157 20.07 18.51 -11.49
N HIS B 158 21.09 18.92 -12.24
CA HIS B 158 22.47 18.72 -11.81
C HIS B 158 22.70 19.26 -10.39
N ALA B 159 22.26 20.50 -10.15
CA ALA B 159 22.65 21.20 -8.95
C ALA B 159 21.90 20.68 -7.72
N ILE B 160 20.59 20.47 -7.86
CA ILE B 160 19.77 20.05 -6.75
C ILE B 160 20.09 18.61 -6.35
N ALA B 161 20.67 17.87 -7.27
CA ALA B 161 21.06 16.48 -7.00
C ALA B 161 22.33 16.42 -6.17
N LEU B 162 23.28 17.29 -6.48
CA LEU B 162 24.53 17.37 -5.71
C LEU B 162 24.28 17.87 -4.30
N VAL B 163 23.32 18.78 -4.15
CA VAL B 163 22.90 19.23 -2.83
C VAL B 163 22.29 18.08 -2.03
N LEU B 164 21.40 17.33 -2.68
CA LEU B 164 20.71 16.23 -2.03
C LEU B 164 21.66 15.10 -1.68
N GLN B 165 22.61 14.85 -2.57
CA GLN B 165 23.69 13.91 -2.29
C GLN B 165 24.34 14.20 -0.93
N GLN B 166 24.77 15.44 -0.75
CA GLN B 166 25.51 15.82 0.45
C GLN B 166 24.64 15.68 1.70
N LEU B 167 23.35 15.93 1.56
CA LEU B 167 22.45 15.97 2.69
C LEU B 167 22.20 14.60 3.29
N VAL B 168 21.96 13.63 2.42
CA VAL B 168 21.46 12.33 2.86
C VAL B 168 22.57 11.28 2.87
N LEU B 169 23.45 11.36 1.88
CA LEU B 169 24.48 10.33 1.71
C LEU B 169 25.82 10.79 2.28
N GLY B 170 26.06 12.09 2.23
CA GLY B 170 27.29 12.65 2.76
C GLY B 170 27.12 13.16 4.17
N ASN B 171 27.96 14.13 4.55
CA ASN B 171 28.01 14.59 5.94
C ASN B 171 27.88 16.10 6.05
N ALA B 172 27.10 16.69 5.16
CA ALA B 172 26.51 18.00 5.40
C ALA B 172 25.92 18.05 6.81
N LEU B 173 25.22 16.98 7.19
CA LEU B 173 24.59 16.90 8.51
C LEU B 173 25.23 15.81 9.37
N PRO B 174 25.26 16.04 10.69
CA PRO B 174 25.58 14.99 11.67
C PRO B 174 24.46 13.96 11.74
N PRO B 175 24.81 12.72 12.07
CA PRO B 175 23.98 11.53 11.88
C PRO B 175 22.58 11.65 12.47
N ASP B 176 22.47 12.25 13.66
CA ASP B 176 21.18 12.35 14.34
C ASP B 176 20.25 13.31 13.59
N LYS B 177 20.81 14.36 13.03
CA LYS B 177 20.05 15.29 12.21
C LYS B 177 19.81 14.71 10.81
N ARG B 178 20.87 14.14 10.23
CA ARG B 178 20.76 13.42 8.98
C ARG B 178 19.57 12.45 8.99
N ALA B 179 19.31 11.84 10.13
CA ALA B 179 18.40 10.71 10.21
C ALA B 179 16.94 11.16 10.28
N LEU B 180 16.73 12.41 10.65
CA LEU B 180 15.38 12.98 10.70
C LEU B 180 14.94 13.47 9.33
N LEU B 181 15.81 14.22 8.67
CA LEU B 181 15.58 14.60 7.28
C LEU B 181 15.30 13.37 6.44
N THR B 182 16.13 12.34 6.60
CA THR B 182 16.01 11.12 5.81
C THR B 182 14.71 10.38 6.13
N ASP B 183 14.33 10.40 7.40
CA ASP B 183 13.12 9.69 7.84
C ASP B 183 11.87 10.42 7.36
N TRP B 184 11.93 11.75 7.37
CA TRP B 184 10.81 12.56 6.87
C TRP B 184 10.60 12.35 5.37
N MET B 185 11.69 12.34 4.61
CA MET B 185 11.60 12.09 3.17
C MET B 185 11.13 10.66 2.89
N ALA B 186 11.46 9.74 3.82
CA ALA B 186 11.09 8.35 3.66
C ALA B 186 9.59 8.14 3.83
N ARG B 187 8.95 9.02 4.61
CA ARG B 187 7.54 8.89 4.90
C ARG B 187 6.74 10.00 4.26
N ASN B 188 7.29 10.58 3.20
CA ASN B 188 6.58 11.54 2.37
C ASN B 188 5.29 10.95 1.80
N THR B 189 4.25 11.78 1.72
CA THR B 189 2.94 11.33 1.27
C THR B 189 2.59 11.80 -0.14
N THR B 190 3.48 12.59 -0.75
CA THR B 190 3.11 13.31 -1.97
C THR B 190 3.70 12.69 -3.22
N GLY B 191 4.40 11.58 -3.06
CA GLY B 191 5.42 11.19 -4.01
C GLY B 191 5.11 9.91 -4.75
N ALA B 192 3.93 9.36 -4.49
CA ALA B 192 3.68 7.95 -4.74
C ALA B 192 3.53 7.67 -6.23
N LYS B 193 3.14 8.69 -6.98
CA LYS B 193 2.84 8.52 -8.39
C LYS B 193 4.00 9.00 -9.25
N ARG B 194 5.12 9.32 -8.61
CA ARG B 194 6.25 9.88 -9.33
C ARG B 194 7.43 8.91 -9.38
N ILE B 195 8.56 9.33 -8.82
CA ILE B 195 9.77 8.51 -8.88
C ILE B 195 9.54 7.16 -8.23
N ARG B 196 8.83 7.16 -7.10
CA ARG B 196 8.50 5.93 -6.40
C ARG B 196 7.74 4.96 -7.31
N ALA B 197 6.85 5.52 -8.14
CA ALA B 197 6.08 4.71 -9.07
C ALA B 197 6.94 4.03 -10.13
N GLY B 198 7.91 4.77 -10.66
CA GLY B 198 8.80 4.24 -11.68
C GLY B 198 9.68 3.09 -11.19
N PHE B 199 10.21 3.26 -9.99
CA PHE B 199 11.09 2.25 -9.40
C PHE B 199 10.33 1.02 -8.89
N PRO B 200 11.03 -0.11 -8.86
CA PRO B 200 10.46 -1.37 -8.36
C PRO B 200 10.26 -1.31 -6.85
N ALA B 201 9.33 -2.11 -6.34
CA ALA B 201 8.97 -2.10 -4.92
C ALA B 201 10.16 -2.44 -4.04
N ASP B 202 10.99 -3.39 -4.50
CA ASP B 202 12.15 -3.82 -3.74
C ASP B 202 13.11 -2.66 -3.51
N TRP B 203 13.25 -1.79 -4.50
CA TRP B 203 14.05 -0.60 -4.34
C TRP B 203 13.44 0.31 -3.31
N LYS B 204 14.28 0.97 -2.52
CA LYS B 204 13.82 1.85 -1.47
C LYS B 204 13.93 3.30 -1.91
N VAL B 205 12.84 4.06 -1.73
CA VAL B 205 12.79 5.42 -2.25
C VAL B 205 12.40 6.41 -1.16
N ILE B 206 13.26 7.41 -0.95
CA ILE B 206 12.84 8.65 -0.29
C ILE B 206 12.91 9.83 -1.26
N ASP B 207 11.98 10.78 -1.09
CA ASP B 207 11.76 11.78 -2.13
C ASP B 207 11.16 13.07 -1.56
N LYS B 208 11.31 14.17 -2.30
CA LYS B 208 10.50 15.36 -2.09
C LYS B 208 10.00 15.93 -3.41
N THR B 209 8.71 16.22 -3.49
CA THR B 209 8.11 16.64 -4.74
C THR B 209 8.09 18.16 -4.90
N GLY B 210 7.80 18.60 -6.11
CA GLY B 210 7.24 19.93 -6.31
C GLY B 210 6.25 19.95 -7.46
N THR B 211 5.21 20.76 -7.32
CA THR B 211 4.20 20.90 -8.36
C THR B 211 3.87 22.37 -8.58
N GLY B 212 3.69 22.75 -9.84
CA GLY B 212 3.55 24.16 -10.18
C GLY B 212 2.48 24.41 -11.21
N ASP B 213 2.26 25.69 -11.52
CA ASP B 213 1.60 26.08 -12.76
C ASP B 213 2.50 25.81 -13.95
N TYR B 214 2.00 26.11 -15.14
CA TYR B 214 2.68 25.73 -16.38
C TYR B 214 3.08 24.25 -16.36
N GLY B 215 2.19 23.41 -15.82
CA GLY B 215 2.38 21.97 -15.84
C GLY B 215 3.69 21.56 -15.21
N ARG B 216 4.08 22.27 -14.15
CA ARG B 216 5.35 21.99 -13.50
C ARG B 216 5.24 20.84 -12.51
N ALA B 217 6.22 19.94 -12.57
CA ALA B 217 6.19 18.74 -11.73
C ALA B 217 7.61 18.21 -11.53
N ASN B 218 8.12 18.35 -10.31
CA ASN B 218 9.44 17.84 -9.98
C ASN B 218 9.39 16.73 -8.93
N ASP B 219 10.45 15.94 -8.87
CA ASP B 219 10.65 14.98 -7.79
C ASP B 219 12.13 14.71 -7.63
N ILE B 220 12.65 14.99 -6.44
CA ILE B 220 14.03 14.62 -6.11
C ILE B 220 14.03 13.50 -5.09
N ALA B 221 15.01 12.60 -5.20
CA ALA B 221 14.94 11.33 -4.52
C ALA B 221 16.32 10.76 -4.26
N VAL B 222 16.45 10.05 -3.15
CA VAL B 222 17.50 9.05 -3.01
C VAL B 222 16.89 7.65 -3.03
N VAL B 223 17.46 6.79 -3.88
CA VAL B 223 17.01 5.40 -3.98
C VAL B 223 18.11 4.43 -3.58
N TRP B 224 17.70 3.30 -3.01
CA TRP B 224 18.64 2.23 -2.73
C TRP B 224 18.26 0.96 -3.51
N SER B 225 19.26 0.35 -4.14
CA SER B 225 19.08 -0.93 -4.79
C SER B 225 18.76 -2.02 -3.77
N PRO B 226 18.15 -3.12 -4.20
CA PRO B 226 17.72 -4.20 -3.30
C PRO B 226 18.88 -4.73 -2.47
N THR B 227 20.10 -4.55 -2.95
CA THR B 227 21.29 -4.87 -2.17
C THR B 227 21.89 -3.63 -1.52
N GLY B 228 21.12 -2.54 -1.52
CA GLY B 228 21.43 -1.39 -0.69
C GLY B 228 22.41 -0.43 -1.33
N VAL B 229 22.50 -0.45 -2.65
CA VAL B 229 23.30 0.52 -3.38
C VAL B 229 22.49 1.78 -3.66
N PRO B 230 23.00 2.94 -3.23
CA PRO B 230 22.26 4.20 -3.23
C PRO B 230 22.50 5.02 -4.49
N TYR B 231 21.45 5.67 -4.98
CA TYR B 231 21.60 6.64 -6.07
C TYR B 231 20.71 7.85 -5.83
N VAL B 232 21.18 9.01 -6.24
CA VAL B 232 20.38 10.22 -6.22
C VAL B 232 19.70 10.44 -7.57
N VAL B 233 18.40 10.73 -7.53
CA VAL B 233 17.65 10.97 -8.76
C VAL B 233 16.89 12.29 -8.73
N ALA B 234 17.37 13.26 -9.49
CA ALA B 234 16.65 14.53 -9.70
C ALA B 234 15.87 14.48 -11.02
N VAL B 235 14.57 14.71 -10.94
CA VAL B 235 13.72 14.77 -12.12
C VAL B 235 12.82 15.99 -12.07
N MET B 236 13.05 16.93 -12.98
CA MET B 236 12.22 18.13 -13.08
C MET B 236 11.54 18.19 -14.45
N SER B 237 10.41 18.88 -14.51
CA SER B 237 9.64 18.94 -15.74
C SER B 237 8.67 20.11 -15.76
N ASP B 238 8.40 20.62 -16.96
CA ASP B 238 7.28 21.55 -17.13
C ASP B 238 6.56 21.33 -18.45
N ARG B 239 5.34 21.86 -18.56
CA ARG B 239 4.63 21.90 -19.83
C ARG B 239 4.19 23.33 -20.12
N ALA B 240 5.17 24.23 -20.20
CA ALA B 240 4.90 25.65 -20.04
C ALA B 240 4.28 26.26 -21.29
N GLY B 241 4.37 25.53 -22.39
CA GLY B 241 3.83 26.00 -23.66
C GLY B 241 2.31 25.88 -23.71
N GLY B 242 1.73 25.22 -22.72
CA GLY B 242 0.30 25.04 -22.64
C GLY B 242 -0.36 26.02 -21.69
N GLY B 243 0.43 26.95 -21.17
CA GLY B 243 -0.12 28.05 -20.41
C GLY B 243 -0.01 27.87 -18.91
N TYR B 244 -0.39 28.89 -18.15
CA TYR B 244 -0.38 28.82 -16.70
C TYR B 244 -1.21 27.65 -16.20
N ASP B 245 -2.25 27.31 -16.95
CA ASP B 245 -3.27 26.38 -16.48
C ASP B 245 -2.94 24.96 -16.90
N ALA B 246 -1.78 24.78 -17.53
CA ALA B 246 -1.36 23.46 -18.00
C ALA B 246 -1.28 22.45 -16.85
N GLU B 247 -2.00 21.36 -16.99
CA GLU B 247 -1.88 20.24 -16.05
C GLU B 247 -0.52 19.57 -16.19
N PRO B 248 0.11 19.22 -15.05
CA PRO B 248 1.32 18.42 -15.01
C PRO B 248 1.02 16.96 -15.39
N ARG B 249 2.03 16.25 -15.87
CA ARG B 249 1.89 14.83 -16.12
C ARG B 249 2.78 14.02 -15.18
N GLU B 250 2.18 13.46 -14.15
CA GLU B 250 2.93 12.69 -13.16
C GLU B 250 3.54 11.45 -13.79
N ALA B 251 2.85 10.89 -14.80
CA ALA B 251 3.31 9.67 -15.45
C ALA B 251 4.66 9.88 -16.12
N LEU B 252 4.91 11.11 -16.57
CA LEU B 252 6.16 11.43 -17.23
C LEU B 252 7.33 11.22 -16.28
N LEU B 253 7.13 11.58 -15.01
CA LEU B 253 8.16 11.43 -14.00
C LEU B 253 8.38 9.95 -13.68
N ALA B 254 7.28 9.21 -13.54
CA ALA B 254 7.34 7.79 -13.26
C ALA B 254 8.02 7.02 -14.40
N GLU B 255 7.59 7.28 -15.64
CA GLU B 255 8.16 6.61 -16.79
C GLU B 255 9.64 6.92 -16.94
N ALA B 256 10.00 8.17 -16.70
CA ALA B 256 11.41 8.58 -16.76
C ALA B 256 12.21 7.86 -15.69
N ALA B 257 11.58 7.61 -14.54
CA ALA B 257 12.22 6.88 -13.46
C ALA B 257 12.43 5.40 -13.84
N THR B 258 11.43 4.82 -14.50
CA THR B 258 11.55 3.46 -15.01
C THR B 258 12.71 3.35 -16.00
N CYS B 259 12.83 4.35 -16.88
CA CYS B 259 13.94 4.38 -17.83
C CYS B 259 15.29 4.47 -17.10
N VAL B 260 15.31 5.17 -15.98
CA VAL B 260 16.51 5.26 -15.16
C VAL B 260 16.82 3.95 -14.46
N ALA B 261 15.80 3.35 -13.85
CA ALA B 261 15.99 2.08 -13.15
C ALA B 261 16.59 1.03 -14.09
N GLY B 262 16.10 1.00 -15.32
CA GLY B 262 16.60 0.07 -16.31
C GLY B 262 18.09 0.18 -16.51
N VAL B 263 18.60 1.40 -16.46
CA VAL B 263 20.02 1.65 -16.68
C VAL B 263 20.83 1.31 -15.46
N LEU B 264 20.21 1.42 -14.28
CA LEU B 264 20.91 1.23 -13.02
C LEU B 264 20.93 -0.22 -12.57
N ALA B 265 20.19 -1.06 -13.29
CA ALA B 265 19.71 -2.31 -12.72
C ALA B 265 20.84 -3.30 -12.41
N ASP C 1 -23.47 -6.30 23.88
CA ASP C 1 -23.81 -6.05 22.49
C ASP C 1 -22.58 -6.22 21.59
N LEU C 2 -21.41 -6.36 22.20
CA LEU C 2 -20.24 -6.82 21.46
C LEU C 2 -20.41 -8.29 21.09
N ALA C 3 -20.82 -9.11 22.07
CA ALA C 3 -21.08 -10.53 21.82
C ALA C 3 -22.13 -10.71 20.73
N ASP C 4 -23.10 -9.80 20.70
CA ASP C 4 -24.21 -9.91 19.75
C ASP C 4 -23.78 -9.47 18.36
N ARG C 5 -22.94 -8.45 18.31
CA ARG C 5 -22.29 -8.06 17.06
C ARG C 5 -21.47 -9.23 16.52
N PHE C 6 -20.70 -9.88 17.40
CA PHE C 6 -19.90 -11.03 17.02
C PHE C 6 -20.79 -12.14 16.49
N ALA C 7 -21.95 -12.32 17.13
CA ALA C 7 -22.89 -13.34 16.69
C ALA C 7 -23.39 -13.05 15.28
N GLU C 8 -23.62 -11.78 14.99
CA GLU C 8 -24.18 -11.39 13.70
C GLU C 8 -23.20 -11.62 12.56
N LEU C 9 -21.92 -11.56 12.89
CA LEU C 9 -20.86 -11.83 11.91
C LEU C 9 -20.75 -13.32 11.66
N GLU C 10 -20.84 -14.11 12.72
CA GLU C 10 -20.91 -15.56 12.62
C GLU C 10 -22.03 -15.98 11.67
N ARG C 11 -23.20 -15.38 11.87
CA ARG C 11 -24.35 -15.67 11.02
C ARG C 11 -24.10 -15.26 9.57
N ARG C 12 -23.48 -14.09 9.40
CA ARG C 12 -23.31 -13.52 8.07
C ARG C 12 -22.33 -14.33 7.25
N TYR C 13 -21.31 -14.88 7.91
CA TYR C 13 -20.20 -15.52 7.21
C TYR C 13 -20.25 -17.03 7.33
N ASP C 14 -21.37 -17.54 7.87
CA ASP C 14 -21.51 -18.95 8.22
C ASP C 14 -20.23 -19.49 8.87
N ALA C 15 -19.89 -18.93 10.03
CA ALA C 15 -18.60 -19.23 10.65
C ALA C 15 -18.72 -19.28 12.15
N ARG C 16 -17.83 -20.02 12.79
CA ARG C 16 -17.63 -19.91 14.22
C ARG C 16 -16.41 -19.02 14.48
N LEU C 17 -16.57 -18.08 15.41
CA LEU C 17 -15.58 -17.03 15.60
C LEU C 17 -15.13 -16.98 17.06
N GLY C 18 -13.82 -16.84 17.25
CA GLY C 18 -13.26 -16.71 18.58
C GLY C 18 -12.36 -15.48 18.69
N VAL C 19 -12.60 -14.67 19.72
CA VAL C 19 -11.78 -13.50 19.97
C VAL C 19 -11.31 -13.47 21.43
N TYR C 20 -10.04 -13.12 21.63
CA TYR C 20 -9.59 -12.67 22.93
C TYR C 20 -8.67 -11.46 22.83
N VAL C 21 -8.98 -10.45 23.65
CA VAL C 21 -8.04 -9.39 23.94
C VAL C 21 -7.80 -9.34 25.45
N PRO C 22 -6.55 -9.58 25.87
CA PRO C 22 -6.15 -9.55 27.29
C PRO C 22 -6.49 -8.22 27.94
N ALA C 23 -6.89 -8.26 29.21
CA ALA C 23 -7.15 -7.06 29.97
C ALA C 23 -5.89 -6.20 30.09
N THR C 24 -6.11 -4.89 30.20
CA THR C 24 -5.04 -3.97 30.57
C THR C 24 -5.44 -3.16 31.81
N GLY C 25 -4.51 -2.35 32.30
CA GLY C 25 -4.83 -1.42 33.37
C GLY C 25 -6.14 -0.67 33.14
N THR C 26 -6.39 -0.25 31.91
CA THR C 26 -7.49 0.66 31.63
C THR C 26 -8.60 0.00 30.82
N THR C 27 -8.40 -1.26 30.46
CA THR C 27 -9.36 -1.97 29.63
C THR C 27 -9.68 -3.34 30.20
N ALA C 28 -10.97 -3.68 30.19
CA ALA C 28 -11.39 -5.05 30.44
C ALA C 28 -10.97 -5.95 29.27
N ALA C 29 -10.79 -7.24 29.58
CA ALA C 29 -10.50 -8.22 28.55
C ALA C 29 -11.71 -8.44 27.65
N ILE C 30 -11.45 -8.59 26.35
CA ILE C 30 -12.49 -8.91 25.38
C ILE C 30 -12.44 -10.39 25.05
N GLU C 31 -13.57 -11.06 25.22
CA GLU C 31 -13.63 -12.50 25.07
C GLU C 31 -14.89 -12.95 24.34
N TYR C 32 -14.72 -13.75 23.30
CA TYR C 32 -15.82 -14.40 22.62
C TYR C 32 -15.39 -15.80 22.19
N ARG C 33 -16.03 -16.80 22.77
CA ARG C 33 -15.57 -18.19 22.65
C ARG C 33 -14.07 -18.29 22.93
N ALA C 34 -13.61 -17.51 23.90
CA ALA C 34 -12.17 -17.37 24.14
C ALA C 34 -11.55 -18.66 24.67
N ASP C 35 -12.38 -19.55 25.18
CA ASP C 35 -11.91 -20.80 25.76
C ASP C 35 -12.30 -22.02 24.94
N GLU C 36 -13.08 -21.80 23.88
CA GLU C 36 -13.34 -22.84 22.89
C GLU C 36 -12.07 -23.16 22.11
N ARG C 37 -11.97 -24.41 21.65
CA ARG C 37 -10.80 -24.87 20.91
C ARG C 37 -10.90 -24.49 19.43
N PHE C 38 -9.77 -24.07 18.86
CA PHE C 38 -9.71 -23.73 17.44
C PHE C 38 -8.45 -24.33 16.83
N ALA C 39 -8.54 -24.72 15.56
CA ALA C 39 -7.40 -25.29 14.87
C ALA C 39 -6.23 -24.32 14.90
N PHE C 40 -5.06 -24.83 15.30
CA PHE C 40 -3.85 -24.02 15.38
C PHE C 40 -3.51 -23.42 14.01
N CYS C 41 -3.50 -24.26 12.99
CA CYS C 41 -3.06 -23.84 11.67
C CYS C 41 -1.67 -23.25 11.80
N SER C 42 -1.09 -22.49 10.83
CA SER C 42 0.26 -21.90 10.77
C SER C 42 0.42 -20.83 11.84
N THR C 43 -0.44 -20.55 12.87
CA THR C 43 -0.11 -19.45 13.76
C THR C 43 0.88 -19.87 14.85
N PHE C 44 1.06 -21.17 15.00
CA PHE C 44 1.98 -21.71 16.00
C PHE C 44 3.43 -21.37 15.66
N LYS C 45 3.65 -20.97 14.41
CA LYS C 45 4.99 -20.64 13.94
C LYS C 45 5.58 -19.44 14.69
N ALA C 46 4.71 -18.64 15.28
CA ALA C 46 5.13 -17.48 16.05
C ALA C 46 5.90 -17.90 17.29
N PRO C 47 5.26 -18.68 18.15
CA PRO C 47 5.89 -19.18 19.37
C PRO C 47 7.00 -20.19 19.07
N LEU C 48 6.88 -20.90 17.95
CA LEU C 48 7.90 -21.84 17.53
C LEU C 48 9.25 -21.14 17.40
N VAL C 49 9.25 -20.03 16.68
CA VAL C 49 10.46 -19.23 16.51
C VAL C 49 10.96 -18.73 17.86
N ALA C 50 10.04 -18.44 18.76
CA ALA C 50 10.40 -18.02 20.12
C ALA C 50 11.10 -19.15 20.88
N ALA C 51 10.59 -20.36 20.73
CA ALA C 51 11.17 -21.51 21.42
C ALA C 51 12.60 -21.74 20.97
N VAL C 52 12.87 -21.45 19.70
CA VAL C 52 14.17 -21.72 19.09
C VAL C 52 15.17 -20.64 19.44
N LEU C 53 14.71 -19.38 19.40
CA LEU C 53 15.49 -18.28 19.94
C LEU C 53 15.82 -18.53 21.41
N HIS C 54 14.84 -18.96 22.18
CA HIS C 54 15.02 -19.19 23.61
C HIS C 54 16.14 -20.19 23.87
N GLN C 55 16.09 -21.33 23.17
CA GLN C 55 16.91 -22.49 23.52
C GLN C 55 18.30 -22.44 22.98
N ASN C 56 18.60 -21.36 22.29
CA ASN C 56 19.93 -21.21 21.79
C ASN C 56 20.36 -19.78 21.95
N PRO C 57 21.64 -19.53 21.77
CA PRO C 57 22.16 -18.16 21.70
C PRO C 57 22.12 -17.68 20.26
N LEU C 58 22.43 -16.42 20.02
CA LEU C 58 22.15 -15.81 18.72
C LEU C 58 22.97 -16.45 17.61
N THR C 59 24.17 -16.88 17.96
CA THR C 59 25.08 -17.48 16.98
C THR C 59 24.40 -18.64 16.25
N HIS C 60 23.52 -19.33 16.97
CA HIS C 60 22.87 -20.53 16.45
C HIS C 60 22.07 -20.21 15.17
N LEU C 61 21.75 -18.94 14.98
CA LEU C 61 20.88 -18.54 13.89
C LEU C 61 21.60 -18.58 12.56
N ASP C 62 22.92 -18.70 12.61
CA ASP C 62 23.75 -18.63 11.42
C ASP C 62 23.93 -20.00 10.79
N LYS C 63 23.63 -21.04 11.58
CA LYS C 63 23.83 -22.40 11.11
C LYS C 63 23.04 -22.67 9.84
N LEU C 64 23.76 -22.81 8.72
CA LEU C 64 23.14 -23.20 7.46
C LEU C 64 22.64 -24.64 7.53
N ILE C 65 21.57 -24.93 6.82
CA ILE C 65 20.82 -26.16 7.03
C ILE C 65 20.30 -26.71 5.71
N THR C 66 20.58 -27.98 5.45
CA THR C 66 20.35 -28.55 4.13
C THR C 66 19.09 -29.40 4.12
N TYR C 67 18.42 -29.44 2.98
CA TYR C 67 17.24 -30.27 2.82
C TYR C 67 17.05 -30.63 1.36
N THR C 68 16.10 -31.49 1.08
CA THR C 68 16.00 -31.97 -0.29
C THR C 68 14.76 -31.49 -0.99
N SER C 69 14.62 -31.91 -2.23
CA SER C 69 13.43 -31.56 -2.97
C SER C 69 12.19 -32.16 -2.32
N ASP C 70 12.36 -33.32 -1.69
CA ASP C 70 11.22 -34.11 -1.23
C ASP C 70 10.91 -33.83 0.23
N ASP C 71 11.64 -32.87 0.81
CA ASP C 71 11.26 -32.32 2.11
C ASP C 71 10.13 -31.30 1.95
N ILE C 72 9.96 -30.80 0.73
CA ILE C 72 8.89 -29.85 0.44
C ILE C 72 7.57 -30.59 0.19
N ARG C 73 6.83 -30.81 1.27
CA ARG C 73 5.57 -31.53 1.16
C ARG C 73 4.41 -30.66 1.67
N SER C 74 4.69 -29.38 1.84
CA SER C 74 3.65 -28.41 2.13
C SER C 74 4.01 -27.05 1.53
N ILE C 75 3.02 -26.17 1.43
CA ILE C 75 3.24 -24.84 0.86
C ILE C 75 4.40 -24.15 1.54
N SER C 76 5.40 -23.75 0.75
CA SER C 76 6.73 -23.45 1.28
C SER C 76 7.45 -22.43 0.41
N PRO C 77 6.92 -21.21 0.36
CA PRO C 77 7.18 -20.26 -0.71
C PRO C 77 8.65 -19.90 -0.84
N VAL C 78 9.38 -19.99 0.27
CA VAL C 78 10.77 -19.56 0.29
C VAL C 78 11.73 -20.74 0.18
N ALA C 79 11.40 -21.83 0.85
CA ALA C 79 12.26 -23.01 0.87
C ALA C 79 12.22 -23.75 -0.46
N GLN C 80 11.07 -23.70 -1.12
CA GLN C 80 10.91 -24.26 -2.46
C GLN C 80 11.94 -23.66 -3.43
N GLN C 81 12.72 -22.71 -2.94
CA GLN C 81 13.49 -21.82 -3.80
C GLN C 81 14.92 -21.71 -3.30
N HIS C 82 15.28 -22.55 -2.34
CA HIS C 82 16.62 -22.50 -1.76
C HIS C 82 17.17 -23.90 -1.54
N VAL C 83 16.58 -24.88 -2.21
CA VAL C 83 16.94 -26.28 -1.98
C VAL C 83 18.43 -26.54 -2.16
N GLN C 84 18.93 -26.26 -3.35
CA GLN C 84 20.36 -26.36 -3.62
C GLN C 84 21.17 -25.62 -2.56
N THR C 85 20.78 -24.37 -2.31
CA THR C 85 21.63 -23.46 -1.54
C THR C 85 21.44 -23.64 -0.06
N GLY C 86 20.29 -24.17 0.33
CA GLY C 86 19.92 -24.24 1.72
C GLY C 86 19.65 -22.88 2.33
N MET C 87 19.69 -22.86 3.66
CA MET C 87 19.06 -21.80 4.46
C MET C 87 19.48 -21.97 5.91
N THR C 88 19.60 -20.84 6.60
CA THR C 88 19.98 -20.85 8.01
C THR C 88 18.76 -20.79 8.92
N ILE C 89 18.94 -21.21 10.17
CA ILE C 89 17.93 -20.99 11.20
C ILE C 89 17.40 -19.57 11.16
N GLY C 90 18.30 -18.61 11.01
CA GLY C 90 17.92 -17.23 10.72
C GLY C 90 16.88 -17.14 9.62
N GLN C 91 17.25 -17.57 8.42
CA GLN C 91 16.40 -17.38 7.26
C GLN C 91 15.13 -18.21 7.37
N LEU C 92 15.20 -19.29 8.13
CA LEU C 92 14.06 -20.18 8.31
C LEU C 92 13.04 -19.58 9.29
N CYS C 93 13.55 -19.03 10.38
CA CYS C 93 12.73 -18.20 11.26
C CYS C 93 12.03 -17.11 10.44
N ASP C 94 12.81 -16.36 9.67
CA ASP C 94 12.29 -15.36 8.76
C ASP C 94 11.13 -15.91 7.91
N ALA C 95 11.39 -17.00 7.21
CA ALA C 95 10.43 -17.54 6.25
C ALA C 95 9.20 -18.09 6.94
N ALA C 96 9.41 -18.78 8.06
CA ALA C 96 8.31 -19.43 8.76
C ALA C 96 7.27 -18.40 9.19
N ILE C 97 7.73 -17.20 9.48
CA ILE C 97 6.85 -16.18 10.04
C ILE C 97 6.27 -15.29 8.95
N ARG C 98 7.12 -14.77 8.07
CA ARG C 98 6.71 -13.75 7.11
C ARG C 98 5.97 -14.36 5.93
N TYR C 99 6.28 -15.61 5.63
CA TYR C 99 5.72 -16.28 4.47
C TYR C 99 5.00 -17.57 4.84
N SER C 100 4.95 -17.86 6.13
CA SER C 100 4.28 -19.05 6.63
C SER C 100 4.79 -20.30 5.93
N ASP C 101 6.11 -20.36 5.75
CA ASP C 101 6.74 -21.48 5.06
C ASP C 101 6.63 -22.76 5.90
N GLY C 102 5.81 -23.69 5.43
CA GLY C 102 5.56 -24.92 6.16
C GLY C 102 6.81 -25.77 6.33
N THR C 103 7.66 -25.77 5.30
CA THR C 103 8.88 -26.55 5.32
C THR C 103 9.90 -25.95 6.28
N ALA C 104 9.97 -24.62 6.31
CA ALA C 104 10.80 -23.93 7.30
C ALA C 104 10.35 -24.26 8.72
N ALA C 105 9.03 -24.25 8.94
CA ALA C 105 8.49 -24.62 10.25
C ALA C 105 8.98 -25.99 10.70
N ASN C 106 8.92 -26.95 9.79
CA ASN C 106 9.25 -28.33 10.13
C ASN C 106 10.72 -28.50 10.50
N LEU C 107 11.58 -27.74 9.83
CA LEU C 107 13.01 -27.80 10.12
C LEU C 107 13.34 -27.15 11.45
N LEU C 108 12.51 -26.18 11.85
CA LEU C 108 12.71 -25.53 13.14
C LEU C 108 12.18 -26.43 14.26
N LEU C 109 11.06 -27.08 14.00
CA LEU C 109 10.55 -28.10 14.91
C LEU C 109 11.58 -29.22 15.07
N ALA C 110 12.31 -29.51 14.01
CA ALA C 110 13.38 -30.50 14.06
C ALA C 110 14.52 -30.00 14.94
N ASP C 111 14.83 -28.71 14.83
CA ASP C 111 15.93 -28.12 15.59
C ASP C 111 15.64 -28.14 17.07
N LEU C 112 14.36 -28.15 17.43
CA LEU C 112 13.97 -28.28 18.83
C LEU C 112 14.47 -29.60 19.41
N GLY C 113 14.32 -30.67 18.64
CA GLY C 113 14.73 -31.98 19.10
C GLY C 113 13.58 -32.79 19.65
N GLY C 114 13.75 -34.11 19.65
CA GLY C 114 12.94 -34.98 20.48
C GLY C 114 11.80 -35.63 19.72
N PRO C 115 10.87 -36.24 20.46
CA PRO C 115 9.71 -36.95 19.90
C PRO C 115 8.75 -36.02 19.17
N GLY C 116 8.04 -36.57 18.19
CA GLY C 116 7.13 -35.79 17.37
C GLY C 116 7.86 -35.06 16.26
N GLY C 117 9.16 -35.30 16.16
CA GLY C 117 10.04 -34.44 15.41
C GLY C 117 9.98 -33.00 15.92
N GLY C 118 9.75 -32.84 17.22
CA GLY C 118 9.93 -31.57 17.88
C GLY C 118 8.66 -31.03 18.48
N THR C 119 7.54 -31.67 18.17
CA THR C 119 6.24 -31.16 18.57
C THR C 119 6.03 -31.31 20.05
N ALA C 120 6.68 -32.30 20.65
CA ALA C 120 6.65 -32.48 22.09
C ALA C 120 7.45 -31.36 22.77
N ALA C 121 8.63 -31.09 22.25
CA ALA C 121 9.48 -30.03 22.79
C ALA C 121 8.78 -28.67 22.65
N PHE C 122 8.03 -28.50 21.57
CA PHE C 122 7.33 -27.25 21.32
C PHE C 122 6.18 -27.05 22.29
N THR C 123 5.37 -28.09 22.45
CA THR C 123 4.27 -28.06 23.40
C THR C 123 4.80 -27.82 24.80
N GLY C 124 5.98 -28.35 25.09
CA GLY C 124 6.61 -28.17 26.39
C GLY C 124 6.99 -26.73 26.64
N TYR C 125 7.51 -26.07 25.61
CA TYR C 125 7.78 -24.63 25.67
C TYR C 125 6.53 -23.85 26.04
N LEU C 126 5.43 -24.15 25.36
CA LEU C 126 4.17 -23.47 25.64
C LEU C 126 3.76 -23.69 27.10
N ARG C 127 3.97 -24.90 27.59
CA ARG C 127 3.59 -25.25 28.96
C ARG C 127 4.44 -24.50 29.97
N SER C 128 5.71 -24.30 29.64
CA SER C 128 6.60 -23.53 30.50
C SER C 128 6.16 -22.07 30.55
N LEU C 129 5.31 -21.68 29.60
CA LEU C 129 4.82 -20.31 29.53
C LEU C 129 3.43 -20.18 30.14
N GLY C 130 2.98 -21.25 30.81
CA GLY C 130 1.72 -21.25 31.50
C GLY C 130 0.48 -21.57 30.68
N ASP C 131 0.66 -21.99 29.42
CA ASP C 131 -0.49 -22.36 28.61
C ASP C 131 -0.75 -23.87 28.70
N THR C 132 -1.72 -24.24 29.53
CA THR C 132 -2.16 -25.62 29.66
C THR C 132 -2.86 -26.20 28.44
N VAL C 133 -3.74 -25.41 27.83
CA VAL C 133 -4.67 -25.88 26.81
C VAL C 133 -4.10 -26.41 25.50
N SER C 134 -3.08 -25.73 24.97
CA SER C 134 -2.62 -25.99 23.61
C SER C 134 -1.94 -27.35 23.38
N ARG C 135 -2.21 -27.95 22.23
CA ARG C 135 -1.46 -29.09 21.75
C ARG C 135 -0.93 -28.85 20.34
N LEU C 136 0.35 -29.14 20.15
CA LEU C 136 0.82 -29.53 18.82
C LEU C 136 1.22 -31.01 18.84
N ASP C 137 0.66 -31.77 17.90
CA ASP C 137 0.87 -33.22 17.86
C ASP C 137 1.51 -33.64 16.54
N ALA C 138 1.52 -32.73 15.58
CA ALA C 138 1.57 -33.12 14.18
C ALA C 138 2.15 -32.01 13.31
N GLU C 139 2.71 -32.41 12.17
CA GLU C 139 3.62 -31.54 11.42
C GLU C 139 2.95 -30.94 10.19
N ASP C 146 -7.43 -32.96 9.89
CA ASP C 146 -7.58 -32.73 11.33
C ASP C 146 -9.00 -32.29 11.64
N PRO C 147 -9.96 -33.22 11.51
CA PRO C 147 -11.38 -32.91 11.34
C PRO C 147 -11.98 -32.14 12.52
N PRO C 148 -13.21 -31.65 12.35
CA PRO C 148 -13.99 -31.05 13.44
C PRO C 148 -14.18 -32.01 14.61
N GLY C 149 -13.88 -31.54 15.82
CA GLY C 149 -14.07 -32.32 17.02
C GLY C 149 -12.79 -32.95 17.50
N ASP C 150 -11.74 -32.84 16.67
CA ASP C 150 -10.45 -33.45 16.99
C ASP C 150 -9.54 -32.45 17.67
N GLU C 151 -9.09 -32.80 18.88
CA GLU C 151 -8.51 -31.83 19.80
C GLU C 151 -7.04 -31.60 19.50
N ARG C 152 -6.47 -32.45 18.66
CA ARG C 152 -5.06 -32.33 18.29
C ARG C 152 -4.80 -31.04 17.52
N ASP C 153 -3.63 -30.45 17.74
CA ASP C 153 -3.20 -29.29 16.98
C ASP C 153 -4.11 -28.09 17.18
N THR C 154 -4.71 -27.98 18.36
CA THR C 154 -5.60 -26.88 18.67
C THR C 154 -5.02 -25.95 19.72
N THR C 155 -5.54 -24.72 19.75
CA THR C 155 -5.39 -23.87 20.92
C THR C 155 -6.72 -23.19 21.23
N THR C 156 -6.69 -22.19 22.10
CA THR C 156 -7.80 -21.25 22.24
C THR C 156 -7.31 -19.83 22.04
N PRO C 157 -8.23 -18.92 21.72
CA PRO C 157 -7.88 -17.49 21.59
C PRO C 157 -7.28 -16.97 22.90
N HIS C 158 -7.93 -17.30 24.01
CA HIS C 158 -7.44 -16.92 25.34
C HIS C 158 -5.98 -17.36 25.52
N ALA C 159 -5.71 -18.64 25.29
CA ALA C 159 -4.40 -19.20 25.56
C ALA C 159 -3.34 -18.58 24.66
N ILE C 160 -3.63 -18.49 23.37
CA ILE C 160 -2.63 -18.07 22.40
C ILE C 160 -2.38 -16.56 22.52
N ALA C 161 -3.40 -15.83 22.93
CA ALA C 161 -3.23 -14.41 23.26
C ALA C 161 -2.20 -14.22 24.37
N LEU C 162 -2.33 -14.99 25.46
CA LEU C 162 -1.50 -14.80 26.64
C LEU C 162 -0.04 -15.15 26.34
N VAL C 163 0.15 -16.14 25.46
CA VAL C 163 1.49 -16.50 25.02
C VAL C 163 2.14 -15.39 24.18
N LEU C 164 1.38 -14.85 23.23
CA LEU C 164 1.90 -13.78 22.39
C LEU C 164 2.25 -12.55 23.20
N GLN C 165 1.42 -12.24 24.19
CA GLN C 165 1.68 -11.12 25.09
C GLN C 165 3.06 -11.26 25.78
N GLN C 166 3.31 -12.42 26.36
CA GLN C 166 4.59 -12.69 27.01
C GLN C 166 5.75 -12.55 26.04
N LEU C 167 5.57 -13.05 24.83
CA LEU C 167 6.63 -13.06 23.83
C LEU C 167 7.02 -11.65 23.39
N VAL C 168 6.02 -10.82 23.16
CA VAL C 168 6.27 -9.54 22.49
C VAL C 168 6.30 -8.38 23.48
N LEU C 169 5.31 -8.33 24.36
CA LEU C 169 5.17 -7.21 25.29
C LEU C 169 5.85 -7.51 26.63
N GLY C 170 6.20 -8.78 26.85
CA GLY C 170 6.55 -9.25 28.17
C GLY C 170 7.98 -9.75 28.27
N ASN C 171 8.18 -10.70 29.18
CA ASN C 171 9.49 -10.93 29.77
C ASN C 171 10.17 -12.18 29.24
N ALA C 172 9.53 -12.81 28.26
CA ALA C 172 9.77 -14.22 27.97
C ALA C 172 11.02 -14.41 27.15
N LEU C 173 11.36 -13.40 26.36
CA LEU C 173 12.64 -13.37 25.67
C LEU C 173 13.46 -12.16 26.12
N PRO C 174 14.79 -12.28 26.06
CA PRO C 174 15.69 -11.12 26.21
C PRO C 174 15.51 -10.16 25.04
N PRO C 175 15.71 -8.86 25.29
CA PRO C 175 15.33 -7.79 24.36
C PRO C 175 15.82 -8.04 22.95
N ASP C 176 16.97 -8.67 22.80
CA ASP C 176 17.61 -8.80 21.49
C ASP C 176 16.98 -9.93 20.69
N LYS C 177 16.50 -10.95 21.39
CA LYS C 177 15.70 -11.99 20.76
C LYS C 177 14.27 -11.48 20.51
N ARG C 178 13.74 -10.75 21.49
CA ARG C 178 12.41 -10.17 21.37
C ARG C 178 12.31 -9.33 20.10
N ALA C 179 13.36 -8.57 19.81
CA ALA C 179 13.33 -7.62 18.70
C ALA C 179 13.29 -8.35 17.38
N LEU C 180 13.93 -9.53 17.34
CA LEU C 180 14.00 -10.31 16.11
C LEU C 180 12.64 -10.88 15.76
N LEU C 181 11.95 -11.41 16.76
CA LEU C 181 10.60 -11.94 16.55
C LEU C 181 9.64 -10.84 16.15
N THR C 182 9.71 -9.71 16.87
CA THR C 182 8.79 -8.61 16.66
C THR C 182 8.96 -8.01 15.27
N ASP C 183 10.20 -7.96 14.82
CA ASP C 183 10.52 -7.40 13.51
C ASP C 183 10.02 -8.31 12.39
N TRP C 184 10.22 -9.61 12.57
CA TRP C 184 9.70 -10.59 11.61
C TRP C 184 8.19 -10.53 11.54
N MET C 185 7.53 -10.44 12.70
CA MET C 185 6.09 -10.33 12.74
C MET C 185 5.64 -9.01 12.11
N ALA C 186 6.47 -7.99 12.24
CA ALA C 186 6.12 -6.65 11.77
C ALA C 186 6.16 -6.56 10.26
N ARG C 187 6.92 -7.47 9.64
CA ARG C 187 7.12 -7.43 8.20
C ARG C 187 6.51 -8.66 7.53
N ASN C 188 5.50 -9.24 8.17
CA ASN C 188 4.77 -10.36 7.59
C ASN C 188 4.02 -9.98 6.32
N THR C 189 3.90 -10.93 5.40
CA THR C 189 3.35 -10.63 4.08
C THR C 189 1.97 -11.21 3.88
N THR C 190 1.46 -11.92 4.89
CA THR C 190 0.27 -12.75 4.71
C THR C 190 -0.96 -12.16 5.37
N GLY C 191 -0.79 -11.01 6.02
CA GLY C 191 -1.71 -10.58 7.04
C GLY C 191 -2.64 -9.45 6.64
N ALA C 192 -2.50 -9.01 5.39
CA ALA C 192 -2.90 -7.65 5.03
C ALA C 192 -4.42 -7.52 4.92
N LYS C 193 -5.09 -8.65 4.81
CA LYS C 193 -6.54 -8.64 4.60
C LYS C 193 -7.27 -9.09 5.85
N ARG C 194 -6.54 -9.23 6.95
CA ARG C 194 -7.15 -9.74 8.18
C ARG C 194 -7.22 -8.68 9.28
N ILE C 195 -6.45 -8.88 10.34
CA ILE C 195 -6.49 -7.95 11.48
C ILE C 195 -6.00 -6.57 11.07
N ARG C 196 -4.92 -6.54 10.28
CA ARG C 196 -4.40 -5.28 9.75
C ARG C 196 -5.47 -4.52 8.97
N ALA C 197 -6.35 -5.24 8.29
CA ALA C 197 -7.35 -4.61 7.43
C ALA C 197 -8.51 -4.04 8.22
N GLY C 198 -8.69 -4.54 9.43
CA GLY C 198 -9.79 -4.11 10.27
C GLY C 198 -9.41 -2.99 11.22
N PHE C 199 -8.12 -2.72 11.33
CA PHE C 199 -7.64 -1.60 12.13
C PHE C 199 -7.27 -0.41 11.23
N PRO C 200 -7.55 0.81 11.71
CA PRO C 200 -7.16 2.06 11.04
C PRO C 200 -5.65 2.11 10.82
N ALA C 201 -5.24 2.78 9.76
CA ALA C 201 -3.89 2.65 9.26
C ALA C 201 -2.84 3.17 10.23
N ASP C 202 -3.26 4.00 11.18
CA ASP C 202 -2.33 4.62 12.10
C ASP C 202 -2.24 3.88 13.44
N TRP C 203 -2.97 2.78 13.54
CA TRP C 203 -2.60 1.74 14.47
C TRP C 203 -1.49 0.87 13.89
N LYS C 204 -0.45 0.63 14.68
CA LYS C 204 0.58 -0.32 14.32
C LYS C 204 0.07 -1.75 14.49
N VAL C 205 0.32 -2.59 13.49
CA VAL C 205 -0.05 -3.99 13.56
C VAL C 205 1.11 -4.90 13.20
N ILE C 206 1.43 -5.83 14.10
CA ILE C 206 2.21 -7.01 13.72
C ILE C 206 1.37 -8.26 13.97
N ASP C 207 1.56 -9.27 13.12
CA ASP C 207 0.64 -10.39 13.12
C ASP C 207 1.29 -11.68 12.62
N LYS C 208 0.67 -12.81 12.91
CA LYS C 208 0.95 -14.05 12.22
C LYS C 208 -0.34 -14.78 11.90
N THR C 209 -0.48 -15.25 10.66
CA THR C 209 -1.74 -15.79 10.19
C THR C 209 -1.80 -17.30 10.32
N GLY C 210 -3.00 -17.84 10.19
CA GLY C 210 -3.17 -19.26 9.95
C GLY C 210 -4.34 -19.54 9.02
N THR C 211 -4.11 -20.42 8.05
CA THR C 211 -5.18 -20.85 7.16
C THR C 211 -5.12 -22.37 6.97
N GLY C 212 -6.30 -22.99 6.90
CA GLY C 212 -6.38 -24.42 6.71
C GLY C 212 -7.70 -24.90 6.12
N ASP C 213 -7.94 -26.19 6.25
CA ASP C 213 -9.15 -26.83 5.73
C ASP C 213 -10.38 -26.50 6.57
N TYR C 214 -11.56 -26.76 6.01
CA TYR C 214 -12.81 -26.44 6.68
C TYR C 214 -12.96 -24.94 6.88
N GLY C 215 -12.41 -24.18 5.94
CA GLY C 215 -12.52 -22.73 5.94
C GLY C 215 -11.91 -22.09 7.17
N ARG C 216 -10.86 -22.71 7.70
CA ARG C 216 -10.18 -22.16 8.86
C ARG C 216 -9.38 -20.92 8.48
N ALA C 217 -9.49 -19.88 9.31
CA ALA C 217 -8.71 -18.67 9.15
C ALA C 217 -8.46 -17.99 10.50
N ASN C 218 -7.19 -17.92 10.89
CA ASN C 218 -6.80 -17.29 12.13
C ASN C 218 -5.88 -16.09 11.89
N ASP C 219 -5.86 -15.19 12.86
CA ASP C 219 -4.82 -14.16 12.91
C ASP C 219 -4.54 -13.79 14.36
N ILE C 220 -3.27 -13.83 14.75
CA ILE C 220 -2.86 -13.30 16.05
C ILE C 220 -1.94 -12.10 15.87
N ALA C 221 -2.19 -11.07 16.67
CA ALA C 221 -1.56 -9.79 16.45
C ALA C 221 -1.26 -9.07 17.76
N VAL C 222 -0.18 -8.27 17.74
CA VAL C 222 -0.05 -7.16 18.67
C VAL C 222 -0.31 -5.85 17.93
N VAL C 223 -1.12 -4.98 18.54
CA VAL C 223 -1.42 -3.70 17.94
C VAL C 223 -1.10 -2.56 18.89
N TRP C 224 -0.69 -1.43 18.32
CA TRP C 224 -0.51 -0.21 19.09
C TRP C 224 -1.47 0.88 18.62
N SER C 225 -2.10 1.54 19.58
CA SER C 225 -2.83 2.78 19.32
C SER C 225 -1.93 3.84 18.68
N PRO C 226 -2.55 4.90 18.15
CA PRO C 226 -1.82 6.04 17.58
C PRO C 226 -0.89 6.71 18.59
N THR C 227 -1.21 6.64 19.88
CA THR C 227 -0.36 7.17 20.92
C THR C 227 0.50 6.09 21.58
N GLY C 228 0.53 4.91 20.96
CA GLY C 228 1.51 3.91 21.30
C GLY C 228 1.08 3.00 22.44
N VAL C 229 -0.23 2.81 22.56
CA VAL C 229 -0.77 1.93 23.59
C VAL C 229 -1.00 0.52 23.04
N PRO C 230 -0.29 -0.47 23.60
CA PRO C 230 -0.25 -1.84 23.07
C PRO C 230 -1.47 -2.66 23.46
N TYR C 231 -2.01 -3.41 22.52
CA TYR C 231 -2.97 -4.47 22.82
C TYR C 231 -2.61 -5.74 22.07
N VAL C 232 -3.05 -6.88 22.59
CA VAL C 232 -2.87 -8.15 21.92
C VAL C 232 -4.20 -8.71 21.43
N VAL C 233 -4.27 -9.08 20.15
CA VAL C 233 -5.53 -9.45 19.55
C VAL C 233 -5.47 -10.83 18.89
N ALA C 234 -6.22 -11.77 19.44
CA ALA C 234 -6.31 -13.11 18.86
C ALA C 234 -7.69 -13.32 18.24
N VAL C 235 -7.71 -13.68 16.96
CA VAL C 235 -8.95 -13.99 16.27
C VAL C 235 -8.84 -15.31 15.51
N MET C 236 -9.83 -16.18 15.72
CA MET C 236 -9.81 -17.51 15.14
C MET C 236 -11.17 -17.85 14.58
N SER C 237 -11.17 -18.55 13.46
CA SER C 237 -12.42 -18.95 12.81
C SER C 237 -12.28 -20.30 12.15
N ASP C 238 -13.39 -21.01 12.05
CA ASP C 238 -13.54 -22.00 10.99
C ASP C 238 -14.96 -21.97 10.41
N ARG C 239 -15.15 -22.65 9.29
CA ARG C 239 -16.47 -22.84 8.72
C ARG C 239 -16.70 -24.33 8.50
N ALA C 240 -16.63 -25.09 9.60
CA ALA C 240 -16.32 -26.51 9.51
C ALA C 240 -17.54 -27.33 9.13
N GLY C 241 -18.71 -26.76 9.35
CA GLY C 241 -19.95 -27.38 8.92
C GLY C 241 -20.08 -27.43 7.40
N GLY C 242 -19.27 -26.62 6.72
CA GLY C 242 -19.32 -26.55 5.28
C GLY C 242 -18.39 -27.55 4.63
N GLY C 243 -17.70 -28.33 5.47
CA GLY C 243 -16.96 -29.48 4.99
C GLY C 243 -15.50 -29.16 4.73
N TYR C 244 -14.75 -30.19 4.36
CA TYR C 244 -13.31 -30.09 4.24
C TYR C 244 -12.90 -28.99 3.28
N ASP C 245 -13.80 -28.67 2.35
CA ASP C 245 -13.44 -27.84 1.20
C ASP C 245 -13.94 -26.41 1.36
N ALA C 246 -14.51 -26.12 2.53
CA ALA C 246 -15.04 -24.78 2.79
C ALA C 246 -13.98 -23.72 2.57
N GLU C 247 -14.39 -22.60 1.98
CA GLU C 247 -13.50 -21.45 1.83
C GLU C 247 -13.42 -20.66 3.13
N PRO C 248 -12.20 -20.25 3.51
CA PRO C 248 -12.01 -19.25 4.55
C PRO C 248 -12.65 -17.93 4.14
N ARG C 249 -13.14 -17.18 5.12
CA ARG C 249 -13.57 -15.80 4.88
C ARG C 249 -12.66 -14.83 5.64
N GLU C 250 -11.71 -14.23 4.91
CA GLU C 250 -10.80 -13.27 5.51
C GLU C 250 -11.54 -12.03 6.02
N ALA C 251 -12.66 -11.70 5.38
CA ALA C 251 -13.41 -10.49 5.70
C ALA C 251 -14.01 -10.61 7.10
N LEU C 252 -14.32 -11.84 7.49
CA LEU C 252 -14.83 -12.07 8.85
C LEU C 252 -13.80 -11.65 9.91
N LEU C 253 -12.53 -11.95 9.64
CA LEU C 253 -11.46 -11.58 10.57
C LEU C 253 -11.29 -10.05 10.60
N ALA C 254 -11.33 -9.43 9.44
CA ALA C 254 -11.17 -7.99 9.34
C ALA C 254 -12.28 -7.27 10.07
N GLU C 255 -13.51 -7.75 9.91
CA GLU C 255 -14.66 -7.11 10.53
C GLU C 255 -14.64 -7.22 12.04
N ALA C 256 -14.33 -8.41 12.53
CA ALA C 256 -14.23 -8.63 13.97
C ALA C 256 -13.16 -7.71 14.56
N ALA C 257 -12.05 -7.57 13.83
CA ALA C 257 -10.97 -6.69 14.28
C ALA C 257 -11.43 -5.25 14.33
N THR C 258 -12.28 -4.88 13.37
CA THR C 258 -12.86 -3.54 13.35
C THR C 258 -13.80 -3.34 14.52
N CYS C 259 -14.64 -4.34 14.78
CA CYS C 259 -15.48 -4.34 15.98
C CYS C 259 -14.64 -4.17 17.24
N VAL C 260 -13.47 -4.81 17.25
CA VAL C 260 -12.58 -4.75 18.42
C VAL C 260 -11.96 -3.37 18.58
N ALA C 261 -11.45 -2.81 17.49
CA ALA C 261 -10.84 -1.48 17.54
C ALA C 261 -11.81 -0.45 18.09
N GLY C 262 -13.09 -0.62 17.79
CA GLY C 262 -14.11 0.29 18.27
C GLY C 262 -14.19 0.30 19.79
N VAL C 263 -13.94 -0.85 20.40
CA VAL C 263 -13.95 -0.95 21.85
C VAL C 263 -12.66 -0.40 22.44
N LEU C 264 -11.59 -0.45 21.65
CA LEU C 264 -10.27 -0.04 22.13
C LEU C 264 -10.00 1.44 21.91
N ALA C 265 -10.88 2.11 21.19
CA ALA C 265 -10.56 3.41 20.60
C ALA C 265 -10.40 4.48 21.67
N ASP D 1 23.09 -2.53 -27.24
CA ASP D 1 23.49 -1.69 -26.10
C ASP D 1 22.68 -2.02 -24.85
N LEU D 2 21.38 -2.29 -25.06
CA LEU D 2 20.65 -3.16 -24.16
C LEU D 2 21.30 -4.55 -24.16
N ALA D 3 21.79 -4.97 -25.32
CA ALA D 3 22.60 -6.17 -25.39
C ALA D 3 23.78 -6.06 -24.43
N ASP D 4 24.39 -4.89 -24.38
CA ASP D 4 25.56 -4.69 -23.54
C ASP D 4 25.22 -4.83 -22.07
N ARG D 5 24.01 -4.40 -21.71
CA ARG D 5 23.57 -4.47 -20.33
C ARG D 5 23.28 -5.92 -19.92
N PHE D 6 22.69 -6.69 -20.83
CA PHE D 6 22.41 -8.10 -20.59
C PHE D 6 23.72 -8.87 -20.42
N ALA D 7 24.73 -8.49 -21.18
CA ALA D 7 26.01 -9.19 -21.15
C ALA D 7 26.73 -8.96 -19.84
N GLU D 8 26.55 -7.76 -19.29
CA GLU D 8 27.20 -7.41 -18.03
C GLU D 8 26.51 -8.09 -16.86
N LEU D 9 25.19 -8.15 -16.92
CA LEU D 9 24.42 -8.98 -16.01
C LEU D 9 24.97 -10.41 -16.00
N GLU D 10 25.30 -10.92 -17.19
CA GLU D 10 25.85 -12.26 -17.32
C GLU D 10 27.17 -12.39 -16.58
N ARG D 11 28.04 -11.38 -16.75
CA ARG D 11 29.32 -11.38 -16.06
C ARG D 11 29.12 -11.41 -14.55
N ARG D 12 28.16 -10.63 -14.06
CA ARG D 12 28.09 -10.32 -12.63
C ARG D 12 27.39 -11.42 -11.84
N TYR D 13 26.57 -12.21 -12.53
CA TYR D 13 25.87 -13.31 -11.91
C TYR D 13 26.45 -14.66 -12.35
N ASP D 14 27.49 -14.60 -13.17
CA ASP D 14 28.22 -15.79 -13.58
C ASP D 14 27.28 -16.80 -14.22
N ALA D 15 26.58 -16.37 -15.27
CA ALA D 15 25.42 -17.10 -15.76
C ALA D 15 25.23 -16.88 -17.26
N ARG D 16 24.41 -17.73 -17.87
CA ARG D 16 23.95 -17.49 -19.23
C ARG D 16 22.50 -17.02 -19.21
N LEU D 17 22.23 -15.93 -19.93
CA LEU D 17 20.93 -15.28 -19.86
C LEU D 17 20.22 -15.31 -21.21
N GLY D 18 18.93 -15.65 -21.18
CA GLY D 18 18.11 -15.58 -22.37
C GLY D 18 16.91 -14.66 -22.18
N VAL D 19 16.74 -13.73 -23.12
CA VAL D 19 15.62 -12.81 -23.08
C VAL D 19 14.93 -12.70 -24.44
N TYR D 20 13.60 -12.79 -24.42
CA TYR D 20 12.82 -12.37 -25.56
C TYR D 20 11.56 -11.63 -25.16
N VAL D 21 11.36 -10.46 -25.76
CA VAL D 21 10.06 -9.81 -25.77
C VAL D 21 9.58 -9.65 -27.21
N PRO D 22 8.40 -10.21 -27.51
CA PRO D 22 7.78 -10.12 -28.84
C PRO D 22 7.48 -8.68 -29.23
N ALA D 23 7.77 -8.33 -30.48
CA ALA D 23 7.48 -6.99 -30.97
C ALA D 23 6.00 -6.68 -30.91
N THR D 24 5.67 -5.39 -30.87
CA THR D 24 4.27 -4.95 -30.95
C THR D 24 4.08 -4.02 -32.13
N GLY D 25 2.85 -3.55 -32.29
CA GLY D 25 2.58 -2.42 -33.17
C GLY D 25 3.65 -1.34 -33.09
N THR D 26 4.15 -1.11 -31.88
CA THR D 26 4.85 0.13 -31.58
C THR D 26 6.27 -0.12 -31.09
N THR D 27 6.59 -1.38 -30.83
CA THR D 27 7.88 -1.73 -30.26
C THR D 27 8.58 -2.81 -31.06
N ALA D 28 9.89 -2.65 -31.23
CA ALA D 28 10.73 -3.74 -31.70
C ALA D 28 10.80 -4.86 -30.65
N ALA D 29 11.08 -6.07 -31.10
CA ALA D 29 11.33 -7.18 -30.21
C ALA D 29 12.64 -6.99 -29.46
N ILE D 30 12.63 -7.33 -28.18
CA ILE D 30 13.87 -7.50 -27.42
C ILE D 30 14.32 -8.96 -27.50
N GLU D 31 15.58 -9.16 -27.84
CA GLU D 31 16.13 -10.51 -27.93
C GLU D 31 17.58 -10.56 -27.50
N TYR D 32 17.90 -11.56 -26.67
CA TYR D 32 19.26 -11.82 -26.26
C TYR D 32 19.40 -13.31 -25.98
N ARG D 33 20.26 -13.98 -26.76
CA ARG D 33 20.34 -15.45 -26.76
C ARG D 33 18.96 -16.08 -26.87
N ALA D 34 18.11 -15.49 -27.68
CA ALA D 34 16.67 -15.79 -27.64
C ALA D 34 16.33 -17.07 -28.39
N ASP D 35 17.26 -17.52 -29.22
CA ASP D 35 17.06 -18.74 -30.00
C ASP D 35 18.01 -19.85 -29.56
N GLU D 36 18.86 -19.54 -28.58
CA GLU D 36 19.56 -20.57 -27.83
C GLU D 36 18.57 -21.38 -26.99
N ARG D 37 18.86 -22.66 -26.81
CA ARG D 37 18.00 -23.55 -26.05
C ARG D 37 18.24 -23.44 -24.55
N PHE D 38 17.16 -23.40 -23.79
CA PHE D 38 17.23 -23.40 -22.34
C PHE D 38 16.29 -24.48 -21.83
N ALA D 39 16.62 -25.08 -20.69
CA ALA D 39 15.80 -26.14 -20.13
C ALA D 39 14.42 -25.60 -19.80
N PHE D 40 13.39 -26.39 -20.12
CA PHE D 40 12.02 -25.99 -19.88
C PHE D 40 11.76 -25.79 -18.39
N CYS D 41 12.31 -26.70 -17.58
CA CYS D 41 12.05 -26.70 -16.15
C CYS D 41 10.56 -26.80 -15.91
N SER D 42 10.01 -25.94 -15.05
CA SER D 42 8.58 -25.99 -14.77
C SER D 42 7.76 -24.99 -15.58
N THR D 43 8.43 -24.27 -16.47
CA THR D 43 7.73 -23.32 -17.35
C THR D 43 6.73 -24.01 -18.25
N PHE D 44 6.99 -25.28 -18.57
CA PHE D 44 6.12 -26.03 -19.46
C PHE D 44 4.71 -26.16 -18.91
N LYS D 45 4.57 -25.85 -17.63
CA LYS D 45 3.35 -26.22 -16.94
C LYS D 45 2.19 -25.35 -17.37
N ALA D 46 2.51 -24.20 -17.97
CA ALA D 46 1.48 -23.25 -18.33
C ALA D 46 0.79 -23.61 -19.64
N PRO D 47 1.58 -23.86 -20.70
CA PRO D 47 0.97 -24.40 -21.93
C PRO D 47 0.41 -25.81 -21.72
N LEU D 48 0.96 -26.56 -20.78
CA LEU D 48 0.40 -27.87 -20.42
C LEU D 48 -1.07 -27.74 -20.01
N VAL D 49 -1.35 -26.82 -19.10
CA VAL D 49 -2.72 -26.54 -18.69
C VAL D 49 -3.54 -26.09 -19.88
N ALA D 50 -2.94 -25.29 -20.76
CA ALA D 50 -3.60 -24.84 -21.97
C ALA D 50 -3.96 -26.03 -22.86
N ALA D 51 -3.03 -26.98 -22.98
CA ALA D 51 -3.28 -28.20 -23.73
C ALA D 51 -4.50 -28.94 -23.18
N VAL D 52 -4.59 -29.02 -21.85
CA VAL D 52 -5.64 -29.77 -21.20
C VAL D 52 -6.98 -29.07 -21.37
N LEU D 53 -6.98 -27.76 -21.19
CA LEU D 53 -8.19 -26.98 -21.41
C LEU D 53 -8.67 -27.10 -22.86
N HIS D 54 -7.71 -27.08 -23.78
CA HIS D 54 -8.03 -27.10 -25.20
C HIS D 54 -8.77 -28.37 -25.58
N GLN D 55 -8.26 -29.50 -25.09
CA GLN D 55 -8.66 -30.79 -25.63
C GLN D 55 -9.91 -31.33 -24.95
N ASN D 56 -10.51 -30.52 -24.10
CA ASN D 56 -11.59 -30.97 -23.24
C ASN D 56 -12.63 -29.87 -23.02
N PRO D 57 -13.87 -30.27 -22.72
CA PRO D 57 -14.89 -29.33 -22.27
C PRO D 57 -14.59 -28.86 -20.85
N LEU D 58 -15.43 -27.96 -20.34
CA LEU D 58 -15.20 -27.36 -19.03
C LEU D 58 -15.62 -28.31 -17.92
N THR D 59 -16.62 -29.14 -18.21
CA THR D 59 -16.99 -30.22 -17.31
C THR D 59 -15.77 -31.01 -16.85
N HIS D 60 -14.80 -31.14 -17.75
CA HIS D 60 -13.70 -32.06 -17.55
C HIS D 60 -12.83 -31.64 -16.36
N LEU D 61 -13.00 -30.39 -15.94
CA LEU D 61 -12.19 -29.85 -14.86
C LEU D 61 -12.76 -30.26 -13.52
N ASP D 62 -13.90 -30.95 -13.55
CA ASP D 62 -14.50 -31.47 -12.32
C ASP D 62 -14.18 -32.94 -12.16
N LYS D 63 -13.45 -33.50 -13.11
CA LYS D 63 -13.15 -34.92 -13.08
C LYS D 63 -12.20 -35.27 -11.95
N LEU D 64 -12.65 -36.12 -11.06
CA LEU D 64 -11.83 -36.52 -9.93
C LEU D 64 -10.73 -37.48 -10.35
N ILE D 65 -9.49 -37.05 -10.22
CA ILE D 65 -8.36 -37.93 -10.48
C ILE D 65 -7.92 -38.49 -9.16
N THR D 66 -7.27 -39.64 -9.20
CA THR D 66 -6.96 -40.36 -7.98
C THR D 66 -5.53 -40.89 -8.04
N TYR D 67 -4.81 -40.76 -6.95
CA TYR D 67 -3.38 -41.03 -6.95
C TYR D 67 -2.87 -41.41 -5.56
N THR D 68 -1.62 -41.82 -5.50
CA THR D 68 -1.02 -42.37 -4.29
C THR D 68 0.30 -41.70 -3.91
N SER D 69 0.71 -41.88 -2.67
CA SER D 69 1.93 -41.26 -2.14
C SER D 69 3.13 -41.72 -2.95
N ASP D 70 3.11 -42.98 -3.37
CA ASP D 70 4.17 -43.54 -4.20
C ASP D 70 4.27 -42.76 -5.50
N ASP D 71 3.12 -42.29 -5.97
CA ASP D 71 3.03 -41.60 -7.26
C ASP D 71 3.87 -40.33 -7.34
N ILE D 72 3.93 -39.57 -6.24
CA ILE D 72 4.66 -38.31 -6.24
C ILE D 72 6.14 -38.48 -5.89
N ARG D 73 7.01 -38.20 -6.86
CA ARG D 73 8.45 -38.22 -6.64
C ARG D 73 9.09 -36.85 -6.75
N SER D 74 8.27 -35.81 -6.82
CA SER D 74 8.73 -34.46 -7.10
C SER D 74 8.14 -33.46 -6.10
N ILE D 75 8.73 -32.27 -6.03
CA ILE D 75 8.26 -31.28 -5.06
C ILE D 75 6.78 -31.09 -5.34
N SER D 76 5.99 -31.09 -4.27
CA SER D 76 4.54 -31.26 -4.39
C SER D 76 3.80 -30.74 -3.16
N PRO D 77 3.85 -29.42 -2.96
CA PRO D 77 3.34 -28.80 -1.74
C PRO D 77 1.81 -28.84 -1.65
N VAL D 78 1.16 -29.47 -2.62
CA VAL D 78 -0.30 -29.50 -2.66
C VAL D 78 -0.81 -30.91 -2.88
N ALA D 79 -0.11 -31.66 -3.72
CA ALA D 79 -0.49 -33.04 -3.96
C ALA D 79 -0.43 -33.85 -2.68
N GLN D 80 0.59 -33.57 -1.86
CA GLN D 80 0.95 -34.46 -0.76
C GLN D 80 -0.15 -34.54 0.29
N GLN D 81 -1.16 -33.69 0.13
CA GLN D 81 -2.20 -33.58 1.13
C GLN D 81 -3.59 -33.62 0.52
N HIS D 82 -3.72 -34.36 -0.56
CA HIS D 82 -5.03 -34.77 -1.04
C HIS D 82 -4.96 -36.21 -1.51
N VAL D 83 -3.89 -36.91 -1.16
CA VAL D 83 -3.75 -38.31 -1.53
C VAL D 83 -4.97 -39.14 -1.13
N GLN D 84 -5.61 -38.75 -0.04
CA GLN D 84 -6.89 -39.34 0.34
C GLN D 84 -8.01 -38.93 -0.63
N THR D 85 -8.10 -37.64 -0.91
CA THR D 85 -9.30 -37.07 -1.50
C THR D 85 -9.34 -37.22 -3.01
N GLY D 86 -8.16 -37.34 -3.63
CA GLY D 86 -7.99 -36.99 -5.03
C GLY D 86 -8.05 -35.49 -5.25
N MET D 87 -7.53 -35.04 -6.39
CA MET D 87 -7.80 -33.70 -6.89
C MET D 87 -8.48 -33.78 -8.26
N THR D 88 -9.37 -32.84 -8.52
CA THR D 88 -9.96 -32.71 -9.84
C THR D 88 -8.96 -32.12 -10.85
N ILE D 89 -9.28 -32.25 -12.13
CA ILE D 89 -8.47 -31.64 -13.18
C ILE D 89 -8.31 -30.15 -12.94
N GLY D 90 -9.43 -29.49 -12.62
CA GLY D 90 -9.40 -28.11 -12.16
C GLY D 90 -8.35 -27.86 -11.09
N GLN D 91 -8.33 -28.69 -10.06
CA GLN D 91 -7.48 -28.45 -8.90
C GLN D 91 -6.02 -28.73 -9.24
N LEU D 92 -5.81 -29.61 -10.20
CA LEU D 92 -4.46 -29.97 -10.62
C LEU D 92 -3.87 -28.88 -11.52
N CYS D 93 -4.70 -28.27 -12.36
CA CYS D 93 -4.31 -27.10 -13.12
C CYS D 93 -3.89 -25.96 -12.20
N ASP D 94 -4.79 -25.61 -11.29
CA ASP D 94 -4.50 -24.63 -10.24
C ASP D 94 -3.15 -24.87 -9.59
N ALA D 95 -2.92 -26.10 -9.15
CA ALA D 95 -1.74 -26.42 -8.36
C ALA D 95 -0.47 -26.36 -9.20
N ALA D 96 -0.59 -26.79 -10.45
CA ALA D 96 0.59 -26.93 -11.32
C ALA D 96 1.15 -25.57 -11.72
N ILE D 97 0.28 -24.56 -11.77
CA ILE D 97 0.72 -23.21 -12.10
C ILE D 97 1.03 -22.40 -10.85
N ARG D 98 0.13 -22.44 -9.87
CA ARG D 98 0.19 -21.51 -8.75
C ARG D 98 1.21 -21.91 -7.69
N TYR D 99 1.48 -23.20 -7.61
CA TYR D 99 2.48 -23.71 -6.67
C TYR D 99 3.52 -24.58 -7.39
N SER D 100 3.39 -24.67 -8.71
CA SER D 100 4.35 -25.42 -9.52
C SER D 100 4.42 -26.88 -9.11
N ASP D 101 3.26 -27.46 -8.82
CA ASP D 101 3.20 -28.81 -8.27
C ASP D 101 3.56 -29.86 -9.32
N GLY D 102 4.70 -30.52 -9.11
CA GLY D 102 5.22 -31.46 -10.09
C GLY D 102 4.35 -32.69 -10.25
N THR D 103 3.82 -33.18 -9.13
CA THR D 103 2.91 -34.31 -9.16
C THR D 103 1.64 -33.97 -9.94
N ALA D 104 1.15 -32.74 -9.76
CA ALA D 104 -0.02 -32.29 -10.49
C ALA D 104 0.31 -32.16 -11.98
N ALA D 105 1.55 -31.82 -12.29
CA ALA D 105 1.98 -31.71 -13.68
C ALA D 105 1.96 -33.08 -14.36
N ASN D 106 2.66 -34.03 -13.75
CA ASN D 106 2.65 -35.42 -14.24
C ASN D 106 1.23 -35.95 -14.41
N LEU D 107 0.35 -35.59 -13.48
CA LEU D 107 -1.03 -36.06 -13.51
C LEU D 107 -1.76 -35.51 -14.73
N LEU D 108 -1.39 -34.30 -15.14
CA LEU D 108 -2.06 -33.64 -16.25
C LEU D 108 -1.47 -34.10 -17.58
N LEU D 109 -0.15 -34.28 -17.60
CA LEU D 109 0.50 -34.96 -18.71
C LEU D 109 -0.21 -36.27 -19.05
N ALA D 110 -0.38 -37.12 -18.05
CA ALA D 110 -0.99 -38.43 -18.24
C ALA D 110 -2.39 -38.29 -18.80
N ASP D 111 -3.07 -37.19 -18.45
CA ASP D 111 -4.45 -36.99 -18.86
C ASP D 111 -4.51 -36.64 -20.34
N LEU D 112 -3.38 -36.20 -20.89
CA LEU D 112 -3.27 -35.98 -22.33
C LEU D 112 -3.21 -37.31 -23.07
N GLY D 113 -2.30 -38.18 -22.65
CA GLY D 113 -2.32 -39.57 -23.08
C GLY D 113 -1.13 -39.92 -23.96
N GLY D 114 -1.01 -41.20 -24.29
CA GLY D 114 -0.03 -41.64 -25.26
C GLY D 114 1.36 -41.75 -24.67
N PRO D 115 2.34 -42.08 -25.51
CA PRO D 115 3.70 -42.43 -25.05
C PRO D 115 4.40 -41.26 -24.38
N GLY D 116 5.43 -41.57 -23.59
CA GLY D 116 6.24 -40.56 -22.95
C GLY D 116 5.58 -39.98 -21.72
N GLY D 117 4.52 -40.65 -21.25
CA GLY D 117 3.77 -40.17 -20.11
C GLY D 117 2.87 -38.99 -20.46
N GLY D 118 2.75 -38.73 -21.76
CA GLY D 118 1.99 -37.59 -22.24
C GLY D 118 2.87 -36.56 -22.93
N THR D 119 4.18 -36.75 -22.82
CA THR D 119 5.12 -35.71 -23.21
C THR D 119 5.15 -35.49 -24.71
N ALA D 120 4.59 -36.45 -25.44
CA ALA D 120 4.59 -36.38 -26.90
C ALA D 120 3.33 -35.70 -27.42
N ALA D 121 2.22 -35.95 -26.73
CA ALA D 121 0.99 -35.24 -27.02
C ALA D 121 1.14 -33.74 -26.72
N PHE D 122 1.95 -33.42 -25.71
CA PHE D 122 2.13 -32.05 -25.28
C PHE D 122 2.98 -31.28 -26.29
N THR D 123 4.05 -31.91 -26.75
CA THR D 123 4.85 -31.38 -27.84
C THR D 123 3.98 -31.25 -29.11
N GLY D 124 3.06 -32.19 -29.29
CA GLY D 124 2.06 -32.07 -30.33
C GLY D 124 1.31 -30.74 -30.24
N TYR D 125 0.93 -30.36 -29.02
CA TYR D 125 0.13 -29.17 -28.81
C TYR D 125 0.92 -27.92 -29.15
N LEU D 126 2.20 -27.91 -28.78
CA LEU D 126 3.09 -26.80 -29.15
C LEU D 126 3.23 -26.68 -30.66
N ARG D 127 3.28 -27.82 -31.35
CA ARG D 127 3.31 -27.83 -32.81
C ARG D 127 2.05 -27.17 -33.36
N SER D 128 0.92 -27.37 -32.71
CA SER D 128 -0.34 -26.81 -33.17
C SER D 128 -0.38 -25.30 -32.96
N LEU D 129 0.67 -24.78 -32.33
CA LEU D 129 0.80 -23.34 -32.14
C LEU D 129 1.99 -22.78 -32.91
N GLY D 130 2.58 -23.61 -33.77
CA GLY D 130 3.66 -23.16 -34.63
C GLY D 130 5.03 -23.28 -33.98
N ASP D 131 5.07 -23.87 -32.80
CA ASP D 131 6.34 -24.06 -32.09
C ASP D 131 6.99 -25.37 -32.51
N THR D 132 8.02 -25.26 -33.34
CA THR D 132 8.67 -26.44 -33.90
C THR D 132 9.97 -26.76 -33.16
N VAL D 133 10.35 -25.87 -32.24
CA VAL D 133 11.67 -25.96 -31.63
C VAL D 133 11.64 -26.74 -30.32
N SER D 134 10.51 -26.62 -29.61
CA SER D 134 10.44 -27.08 -28.23
C SER D 134 10.08 -28.55 -28.14
N ARG D 135 10.65 -29.24 -27.16
CA ARG D 135 10.27 -30.61 -26.87
C ARG D 135 10.15 -30.86 -25.38
N LEU D 136 9.12 -31.60 -24.99
CA LEU D 136 9.10 -32.26 -23.68
C LEU D 136 9.29 -33.77 -23.86
N ASP D 137 10.11 -34.36 -22.99
CA ASP D 137 10.57 -35.72 -23.16
C ASP D 137 10.42 -36.54 -21.88
N ALA D 138 11.01 -36.04 -20.80
CA ALA D 138 10.80 -36.63 -19.48
C ALA D 138 9.64 -35.94 -18.77
N GLU D 139 9.19 -36.53 -17.67
CA GLU D 139 8.37 -35.81 -16.70
C GLU D 139 9.13 -35.55 -15.41
N ALA D 140 8.41 -35.06 -14.41
CA ALA D 140 9.03 -34.55 -13.19
C ALA D 140 9.33 -35.68 -12.22
N PRO D 141 10.49 -35.64 -11.55
CA PRO D 141 11.35 -34.45 -11.47
C PRO D 141 12.38 -34.39 -12.57
N GLU D 142 12.40 -35.40 -13.43
CA GLU D 142 13.61 -35.75 -14.17
C GLU D 142 13.96 -34.72 -15.22
N LEU D 143 12.95 -33.96 -15.61
CA LEU D 143 13.05 -33.04 -16.72
C LEU D 143 13.84 -31.79 -16.36
N ASN D 144 14.18 -31.66 -15.08
CA ASN D 144 14.96 -30.53 -14.61
C ASN D 144 16.44 -30.88 -14.46
N ARG D 145 16.77 -32.15 -14.70
CA ARG D 145 18.11 -32.66 -14.40
C ARG D 145 18.85 -33.09 -15.66
N ASP D 146 18.36 -32.66 -16.81
CA ASP D 146 19.06 -32.88 -18.07
C ASP D 146 20.40 -32.15 -18.08
N PRO D 147 21.45 -32.83 -18.55
CA PRO D 147 22.77 -32.22 -18.71
C PRO D 147 22.73 -31.08 -19.69
N PRO D 148 23.69 -30.18 -19.58
CA PRO D 148 23.88 -29.15 -20.58
C PRO D 148 24.28 -29.76 -21.90
N GLY D 149 23.62 -29.35 -22.96
CA GLY D 149 23.84 -29.95 -24.26
C GLY D 149 22.63 -30.73 -24.73
N ASP D 150 21.96 -31.39 -23.79
CA ASP D 150 20.85 -32.27 -24.11
C ASP D 150 19.62 -31.47 -24.54
N GLU D 151 19.15 -31.74 -25.75
CA GLU D 151 18.10 -30.93 -26.35
C GLU D 151 16.72 -31.33 -25.83
N ARG D 152 16.67 -32.44 -25.09
CA ARG D 152 15.42 -32.92 -24.53
C ARG D 152 14.91 -31.96 -23.45
N ASP D 153 13.59 -31.77 -23.41
CA ASP D 153 12.97 -30.95 -22.39
C ASP D 153 13.41 -29.50 -22.48
N THR D 154 13.65 -29.02 -23.70
CA THR D 154 14.16 -27.67 -23.91
C THR D 154 13.19 -26.78 -24.66
N THR D 155 13.38 -25.48 -24.51
CA THR D 155 12.74 -24.51 -25.39
C THR D 155 13.71 -23.35 -25.64
N THR D 156 13.23 -22.32 -26.33
CA THR D 156 13.94 -21.04 -26.36
C THR D 156 13.06 -19.95 -25.77
N PRO D 157 13.69 -18.85 -25.34
CA PRO D 157 12.96 -17.63 -25.00
C PRO D 157 12.01 -17.23 -26.13
N HIS D 158 12.54 -17.17 -27.35
CA HIS D 158 11.74 -16.81 -28.51
C HIS D 158 10.51 -17.71 -28.64
N ALA D 159 10.71 -19.01 -28.56
CA ALA D 159 9.65 -19.97 -28.83
C ALA D 159 8.56 -19.95 -27.77
N ILE D 160 8.98 -19.97 -26.50
CA ILE D 160 8.01 -20.02 -25.40
C ILE D 160 7.22 -18.71 -25.28
N ALA D 161 7.87 -17.60 -25.60
CA ALA D 161 7.19 -16.30 -25.58
C ALA D 161 6.02 -16.25 -26.56
N LEU D 162 6.24 -16.80 -27.75
CA LEU D 162 5.22 -16.75 -28.79
C LEU D 162 4.05 -17.68 -28.49
N VAL D 163 4.34 -18.77 -27.78
CA VAL D 163 3.29 -19.64 -27.24
C VAL D 163 2.45 -18.91 -26.20
N LEU D 164 3.11 -18.32 -25.19
CA LEU D 164 2.40 -17.58 -24.15
C LEU D 164 1.54 -16.48 -24.76
N GLN D 165 2.08 -15.80 -25.77
CA GLN D 165 1.37 -14.70 -26.43
C GLN D 165 0.04 -15.16 -27.00
N GLN D 166 0.07 -16.28 -27.74
CA GLN D 166 -1.14 -16.82 -28.33
C GLN D 166 -2.13 -17.26 -27.26
N LEU D 167 -1.60 -17.74 -26.14
CA LEU D 167 -2.44 -18.31 -25.09
C LEU D 167 -3.17 -17.25 -24.30
N VAL D 168 -2.45 -16.21 -23.91
CA VAL D 168 -3.02 -15.17 -23.04
C VAL D 168 -3.61 -14.05 -23.87
N LEU D 169 -2.90 -13.61 -24.90
CA LEU D 169 -3.28 -12.42 -25.63
C LEU D 169 -4.06 -12.73 -26.89
N GLY D 170 -3.68 -13.81 -27.57
CA GLY D 170 -4.32 -14.23 -28.81
C GLY D 170 -5.50 -15.14 -28.60
N ASN D 171 -5.76 -15.98 -29.60
CA ASN D 171 -7.01 -16.73 -29.66
C ASN D 171 -6.80 -18.25 -29.67
N ALA D 172 -5.65 -18.68 -29.17
CA ALA D 172 -5.37 -20.10 -28.97
C ALA D 172 -6.49 -20.78 -28.19
N LEU D 173 -6.99 -20.10 -27.16
CA LEU D 173 -8.15 -20.58 -26.42
C LEU D 173 -9.33 -19.63 -26.59
N PRO D 174 -10.55 -20.17 -26.46
CA PRO D 174 -11.75 -19.35 -26.34
C PRO D 174 -11.72 -18.57 -25.03
N PRO D 175 -12.51 -17.49 -24.94
CA PRO D 175 -12.49 -16.57 -23.79
C PRO D 175 -12.55 -17.31 -22.46
N ASP D 176 -13.50 -18.22 -22.31
CA ASP D 176 -13.83 -18.76 -21.00
C ASP D 176 -12.69 -19.59 -20.43
N LYS D 177 -11.96 -20.27 -21.30
CA LYS D 177 -10.80 -21.06 -20.88
C LYS D 177 -9.57 -20.16 -20.75
N ARG D 178 -9.43 -19.23 -21.69
CA ARG D 178 -8.41 -18.20 -21.60
C ARG D 178 -8.42 -17.52 -20.23
N ALA D 179 -9.61 -17.21 -19.73
CA ALA D 179 -9.76 -16.51 -18.46
C ALA D 179 -9.20 -17.33 -17.32
N LEU D 180 -9.56 -18.60 -17.29
CA LEU D 180 -9.09 -19.51 -16.25
C LEU D 180 -7.57 -19.58 -16.22
N LEU D 181 -6.97 -19.78 -17.39
CA LEU D 181 -5.52 -19.82 -17.49
C LEU D 181 -4.89 -18.54 -16.96
N THR D 182 -5.43 -17.41 -17.39
CA THR D 182 -4.85 -16.11 -17.04
C THR D 182 -4.97 -15.85 -15.55
N ASP D 183 -6.09 -16.28 -14.97
CA ASP D 183 -6.32 -16.09 -13.54
C ASP D 183 -5.29 -16.86 -12.71
N TRP D 184 -5.01 -18.09 -13.10
CA TRP D 184 -4.07 -18.93 -12.36
C TRP D 184 -2.66 -18.35 -12.37
N MET D 185 -2.26 -17.77 -13.50
CA MET D 185 -0.95 -17.17 -13.62
C MET D 185 -0.89 -15.84 -12.85
N ALA D 186 -2.03 -15.18 -12.73
CA ALA D 186 -2.10 -13.92 -11.98
C ALA D 186 -2.02 -14.16 -10.47
N ARG D 187 -2.36 -15.38 -10.06
CA ARG D 187 -2.34 -15.73 -8.65
C ARG D 187 -1.27 -16.78 -8.35
N ASN D 188 -0.23 -16.80 -9.17
CA ASN D 188 0.95 -17.61 -8.90
C ASN D 188 1.63 -17.16 -7.62
N THR D 189 2.27 -18.10 -6.92
CA THR D 189 2.87 -17.81 -5.63
C THR D 189 4.39 -17.89 -5.68
N THR D 190 4.92 -18.31 -6.83
CA THR D 190 6.31 -18.72 -6.91
C THR D 190 7.21 -17.64 -7.48
N GLY D 191 6.60 -16.53 -7.88
CA GLY D 191 7.21 -15.66 -8.87
C GLY D 191 7.72 -14.35 -8.35
N ALA D 192 7.63 -14.18 -7.04
CA ALA D 192 7.64 -12.84 -6.46
C ALA D 192 8.98 -12.18 -6.56
N LYS D 193 10.03 -12.97 -6.74
CA LYS D 193 11.40 -12.46 -6.68
C LYS D 193 12.05 -12.42 -8.06
N ARG D 194 11.25 -12.64 -9.09
CA ARG D 194 11.78 -12.75 -10.43
C ARG D 194 11.31 -11.60 -11.33
N ILE D 195 10.50 -11.93 -12.33
CA ILE D 195 10.02 -10.91 -13.25
C ILE D 195 9.18 -9.86 -12.53
N ARG D 196 8.34 -10.33 -11.61
CA ARG D 196 7.45 -9.46 -10.86
C ARG D 196 8.22 -8.47 -9.98
N ALA D 197 9.45 -8.83 -9.62
CA ALA D 197 10.25 -8.00 -8.72
C ALA D 197 11.06 -6.96 -9.49
N GLY D 198 11.15 -7.14 -10.81
CA GLY D 198 11.89 -6.23 -11.65
C GLY D 198 11.00 -5.20 -12.31
N PHE D 199 9.69 -5.41 -12.22
CA PHE D 199 8.73 -4.45 -12.75
C PHE D 199 8.11 -3.62 -11.65
N PRO D 200 7.90 -2.33 -11.92
CA PRO D 200 7.16 -1.42 -11.03
C PRO D 200 5.81 -1.99 -10.66
N ALA D 201 5.35 -1.70 -9.45
CA ALA D 201 4.23 -2.40 -8.87
C ALA D 201 2.92 -2.07 -9.59
N ASP D 202 2.92 -0.98 -10.35
CA ASP D 202 1.73 -0.57 -11.07
C ASP D 202 1.70 -1.08 -12.51
N TRP D 203 2.68 -1.89 -12.85
CA TRP D 203 2.51 -2.87 -13.92
C TRP D 203 1.88 -4.16 -13.38
N LYS D 204 0.79 -4.60 -14.01
CA LYS D 204 0.26 -5.94 -13.79
C LYS D 204 1.25 -6.99 -14.30
N VAL D 205 1.45 -8.04 -13.52
CA VAL D 205 2.25 -9.17 -13.96
C VAL D 205 1.56 -10.50 -13.66
N ILE D 206 1.40 -11.31 -14.70
CA ILE D 206 1.13 -12.74 -14.51
C ILE D 206 2.30 -13.56 -15.06
N ASP D 207 2.60 -14.68 -14.39
CA ASP D 207 3.82 -15.41 -14.70
C ASP D 207 3.75 -16.89 -14.34
N LYS D 208 4.70 -17.66 -14.86
CA LYS D 208 4.98 -18.99 -14.36
C LYS D 208 6.48 -19.23 -14.32
N THR D 209 6.94 -19.86 -13.23
CA THR D 209 8.36 -20.01 -12.99
C THR D 209 8.83 -21.41 -13.37
N GLY D 210 10.14 -21.53 -13.56
CA GLY D 210 10.79 -22.83 -13.53
C GLY D 210 12.14 -22.76 -12.86
N THR D 211 12.47 -23.80 -12.10
CA THR D 211 13.77 -23.90 -11.45
C THR D 211 14.31 -25.31 -11.52
N GLY D 212 15.62 -25.43 -11.68
CA GLY D 212 16.26 -26.73 -11.85
C GLY D 212 17.73 -26.69 -11.53
N ASP D 213 18.40 -27.81 -11.71
CA ASP D 213 19.82 -27.91 -11.40
C ASP D 213 20.67 -27.26 -12.49
N TYR D 214 21.98 -27.28 -12.29
CA TYR D 214 22.89 -26.52 -13.15
C TYR D 214 22.55 -25.02 -13.12
N GLY D 215 21.95 -24.58 -12.02
CA GLY D 215 21.78 -23.16 -11.77
C GLY D 215 20.65 -22.58 -12.60
N ARG D 216 19.60 -23.37 -12.78
CA ARG D 216 18.54 -23.01 -13.72
C ARG D 216 17.42 -22.23 -13.05
N ALA D 217 17.16 -21.03 -13.55
CA ALA D 217 15.99 -20.26 -13.12
C ALA D 217 15.36 -19.55 -14.31
N ASN D 218 14.08 -19.85 -14.56
CA ASN D 218 13.35 -19.22 -15.65
C ASN D 218 12.16 -18.46 -15.11
N ASP D 219 11.63 -17.55 -15.93
CA ASP D 219 10.31 -16.99 -15.70
C ASP D 219 9.70 -16.53 -17.02
N ILE D 220 8.44 -16.87 -17.23
CA ILE D 220 7.70 -16.34 -18.37
C ILE D 220 6.47 -15.57 -17.90
N ALA D 221 6.23 -14.42 -18.51
CA ALA D 221 5.21 -13.51 -18.01
C ALA D 221 4.48 -12.79 -19.13
N VAL D 222 3.22 -12.46 -18.88
CA VAL D 222 2.58 -11.33 -19.55
C VAL D 222 2.53 -10.14 -18.59
N VAL D 223 2.88 -8.96 -19.10
CA VAL D 223 2.82 -7.74 -18.32
C VAL D 223 1.96 -6.70 -18.99
N TRP D 224 1.26 -5.90 -18.18
CA TRP D 224 0.56 -4.73 -18.68
C TRP D 224 1.15 -3.46 -18.08
N SER D 225 1.41 -2.48 -18.94
CA SER D 225 1.73 -1.13 -18.49
C SER D 225 0.58 -0.54 -17.66
N PRO D 226 0.88 0.51 -16.88
CA PRO D 226 -0.11 1.19 -16.05
C PRO D 226 -1.31 1.67 -16.84
N THR D 227 -1.13 1.87 -18.15
CA THR D 227 -2.22 2.28 -19.02
C THR D 227 -2.78 1.12 -19.82
N GLY D 228 -2.28 -0.09 -19.53
CA GLY D 228 -2.97 -1.31 -19.94
C GLY D 228 -2.43 -1.91 -21.20
N VAL D 229 -1.15 -1.64 -21.48
CA VAL D 229 -0.54 -2.10 -22.71
C VAL D 229 0.27 -3.39 -22.48
N PRO D 230 -0.17 -4.48 -23.10
CA PRO D 230 0.37 -5.82 -22.81
C PRO D 230 1.71 -6.06 -23.46
N TYR D 231 2.62 -6.69 -22.73
CA TYR D 231 3.80 -7.28 -23.36
C TYR D 231 4.01 -8.71 -22.83
N VAL D 232 4.73 -9.51 -23.61
CA VAL D 232 5.16 -10.82 -23.19
C VAL D 232 6.64 -10.81 -22.89
N VAL D 233 7.03 -11.36 -21.75
CA VAL D 233 8.43 -11.35 -21.34
C VAL D 233 8.91 -12.73 -20.94
N ALA D 234 9.99 -13.17 -21.58
CA ALA D 234 10.58 -14.48 -21.29
C ALA D 234 12.03 -14.31 -20.87
N VAL D 235 12.36 -14.83 -19.69
CA VAL D 235 13.73 -14.77 -19.20
C VAL D 235 14.18 -16.12 -18.70
N MET D 236 15.37 -16.53 -19.12
CA MET D 236 15.86 -17.87 -18.87
C MET D 236 17.34 -17.83 -18.52
N SER D 237 17.73 -18.71 -17.59
CA SER D 237 19.07 -18.67 -17.04
C SER D 237 19.56 -20.05 -16.67
N ASP D 238 20.84 -20.29 -16.90
CA ASP D 238 21.55 -21.34 -16.16
C ASP D 238 22.99 -20.96 -15.91
N ARG D 239 23.64 -21.72 -15.02
CA ARG D 239 25.02 -21.46 -14.64
C ARG D 239 25.83 -22.75 -14.73
N ALA D 240 26.02 -23.23 -15.96
CA ALA D 240 26.35 -24.63 -16.18
C ALA D 240 27.78 -24.96 -15.76
N GLY D 241 28.67 -23.97 -15.86
CA GLY D 241 30.05 -24.13 -15.46
C GLY D 241 30.19 -24.41 -13.96
N GLY D 242 29.13 -24.14 -13.22
CA GLY D 242 29.09 -24.49 -11.81
C GLY D 242 28.66 -25.93 -11.59
N GLY D 243 28.15 -26.54 -12.64
CA GLY D 243 27.77 -27.95 -12.59
C GLY D 243 26.48 -28.16 -11.83
N TYR D 244 26.22 -29.41 -11.49
CA TYR D 244 24.88 -29.87 -11.17
C TYR D 244 24.29 -29.11 -9.99
N ASP D 245 25.16 -28.68 -9.08
CA ASP D 245 24.73 -28.16 -7.80
C ASP D 245 24.89 -26.66 -7.73
N ALA D 246 25.17 -26.04 -8.87
CA ALA D 246 25.30 -24.59 -8.94
C ALA D 246 24.02 -23.90 -8.50
N GLU D 247 24.17 -22.81 -7.76
CA GLU D 247 23.02 -22.10 -7.22
C GLU D 247 22.38 -21.21 -8.28
N PRO D 248 21.07 -21.36 -8.48
CA PRO D 248 20.28 -20.48 -9.34
C PRO D 248 20.16 -19.09 -8.70
N ARG D 249 19.99 -18.08 -9.55
CA ARG D 249 20.05 -16.69 -9.11
C ARG D 249 18.81 -15.92 -9.52
N GLU D 250 17.86 -15.83 -8.61
CA GLU D 250 16.61 -15.13 -8.87
C GLU D 250 16.87 -13.66 -9.21
N ALA D 251 17.85 -13.07 -8.53
CA ALA D 251 18.12 -11.64 -8.68
C ALA D 251 18.47 -11.30 -10.12
N LEU D 252 19.08 -12.25 -10.81
CA LEU D 252 19.45 -12.07 -12.21
C LEU D 252 18.21 -11.86 -13.08
N LEU D 253 17.18 -12.64 -12.81
CA LEU D 253 15.92 -12.52 -13.54
C LEU D 253 15.22 -11.22 -13.23
N ALA D 254 15.28 -10.80 -11.97
CA ALA D 254 14.67 -9.54 -11.55
C ALA D 254 15.39 -8.37 -12.22
N GLU D 255 16.70 -8.44 -12.27
CA GLU D 255 17.50 -7.36 -12.84
C GLU D 255 17.35 -7.25 -14.34
N ALA D 256 17.23 -8.40 -15.01
CA ALA D 256 17.00 -8.42 -16.45
C ALA D 256 15.64 -7.83 -16.81
N ALA D 257 14.64 -8.15 -15.98
CA ALA D 257 13.28 -7.65 -16.20
C ALA D 257 13.22 -6.13 -15.99
N THR D 258 14.11 -5.63 -15.14
CA THR D 258 14.16 -4.20 -14.86
C THR D 258 14.78 -3.45 -16.03
N CYS D 259 15.88 -3.98 -16.55
CA CYS D 259 16.43 -3.50 -17.82
C CYS D 259 15.36 -3.43 -18.90
N VAL D 260 14.45 -4.40 -18.88
CA VAL D 260 13.44 -4.52 -19.93
C VAL D 260 12.35 -3.47 -19.78
N ALA D 261 11.92 -3.24 -18.54
CA ALA D 261 10.89 -2.25 -18.27
C ALA D 261 11.35 -0.84 -18.66
N GLY D 262 12.64 -0.57 -18.46
CA GLY D 262 13.21 0.71 -18.84
C GLY D 262 13.13 0.94 -20.34
N VAL D 263 12.98 -0.14 -21.09
CA VAL D 263 12.89 -0.06 -22.54
C VAL D 263 11.43 0.12 -22.97
N LEU D 264 10.52 -0.48 -22.20
CA LEU D 264 9.10 -0.41 -22.53
C LEU D 264 8.41 0.81 -21.93
N ALA D 265 9.18 1.64 -21.23
CA ALA D 265 8.61 2.58 -20.28
C ALA D 265 7.88 3.73 -20.99
#